data_5WHY
#
_entry.id   5WHY
#
_cell.length_a   51.929
_cell.length_b   59.357
_cell.length_c   81.363
_cell.angle_alpha   83.090
_cell.angle_beta   73.310
_cell.angle_gamma   66.630
#
_symmetry.space_group_name_H-M   'P 1'
#
loop_
_entity.id
_entity.type
_entity.pdbx_description
1 polymer 'Radical SAM domain protein'
2 non-polymer 'IRON/SULFUR CLUSTER'
3 non-polymer S-ADENOSYLMETHIONINE
4 non-polymer 'CALCIUM ION'
5 water water
#
_entity_poly.entity_id   1
_entity_poly.type   'polypeptide(L)'
_entity_poly.pdbx_seq_one_letter_code
;SNAMAMIHKFSMMGTNIVVDVNSGAVHVVDDISFDILDYYKNFTAGEIKNKLAHKYNADEIDEALREIESLEAEGLLFSE
DPYKEYVSSMDRKSVVKALCLHISHDCNLRCKYCFASTGNFGGQRNMMSLEVGKKAIDFLISESGNRKNLEIDFFGGEPM
MNFDVVKGIIEYARQKEKEHNKNFRFTLTTNGLLLNDENIKYINENMQNIVLSIDGRKEVNDRMRIRIDGSGCYDDILPK
FKYVAESRNQDNYYVRGTFTRENMDFSNDVLHLADEGFRQISVEPVVAAKDSGYDLREEDLPRLFEEYEKLAYEYVKRRK
EGNWFNFFHFMIDLTQGPCIVKRLTGCGSGHEYLAVTPEGDIYPCHQFVGNEKFKMGNVKEGVLNRDIQNYFKNSNVYTK
KECDSCWAKFYCSGGCAANSYNFHKDINTVYKVGCELEKKRVECALWIKAQEM
;
_entity_poly.pdbx_strand_id   A,B
#
loop_
_chem_comp.id
_chem_comp.type
_chem_comp.name
_chem_comp.formula
CA non-polymer 'CALCIUM ION' 'Ca 2'
SAM non-polymer S-ADENOSYLMETHIONINE 'C15 H22 N6 O5 S'
SF4 non-polymer 'IRON/SULFUR CLUSTER' 'Fe4 S4'
#
# COMPACT_ATOMS: atom_id res chain seq x y z
N MET A 4 -21.85 0.56 -0.82
CA MET A 4 -21.08 0.90 -2.00
C MET A 4 -19.99 -0.15 -2.27
N ALA A 5 -20.39 -1.43 -2.22
CA ALA A 5 -19.50 -2.54 -2.55
C ALA A 5 -19.53 -2.75 -4.06
N MET A 6 -18.41 -2.48 -4.73
CA MET A 6 -18.34 -2.57 -6.18
C MET A 6 -16.94 -2.98 -6.58
N ILE A 7 -16.81 -3.38 -7.85
CA ILE A 7 -15.50 -3.68 -8.42
C ILE A 7 -15.45 -3.16 -9.85
N HIS A 8 -14.23 -2.95 -10.32
CA HIS A 8 -13.95 -2.61 -11.70
C HIS A 8 -13.20 -3.76 -12.36
N LYS A 9 -13.53 -4.03 -13.62
CA LYS A 9 -12.98 -5.16 -14.38
C LYS A 9 -12.43 -4.64 -15.71
N PHE A 10 -11.13 -4.81 -15.96
CA PHE A 10 -10.60 -4.44 -17.26
C PHE A 10 -9.60 -5.50 -17.75
N SER A 11 -9.37 -5.51 -19.07
CA SER A 11 -8.41 -6.40 -19.72
C SER A 11 -7.63 -5.60 -20.75
N MET A 12 -6.31 -5.54 -20.58
CA MET A 12 -5.45 -4.61 -21.31
C MET A 12 -4.19 -5.36 -21.75
N MET A 13 -4.06 -5.60 -23.05
CA MET A 13 -2.89 -6.26 -23.63
C MET A 13 -2.70 -7.66 -23.02
N GLY A 14 -3.69 -8.52 -23.25
CA GLY A 14 -3.57 -9.91 -22.87
C GLY A 14 -3.49 -10.20 -21.39
N THR A 15 -4.08 -9.37 -20.55
CA THR A 15 -4.17 -9.70 -19.13
C THR A 15 -5.49 -9.22 -18.56
N ASN A 16 -6.03 -9.94 -17.62
CA ASN A 16 -7.27 -9.55 -17.02
C ASN A 16 -7.07 -9.15 -15.57
N ILE A 17 -7.24 -7.89 -15.24
CA ILE A 17 -7.06 -7.43 -13.88
C ILE A 17 -8.36 -6.94 -13.30
N VAL A 18 -8.51 -7.10 -11.99
CA VAL A 18 -9.72 -6.72 -11.28
C VAL A 18 -9.37 -5.86 -10.09
N VAL A 19 -10.21 -4.87 -9.82
CA VAL A 19 -9.99 -3.95 -8.70
C VAL A 19 -11.22 -3.99 -7.81
N ASP A 20 -11.02 -4.19 -6.52
CA ASP A 20 -12.07 -4.01 -5.54
C ASP A 20 -11.86 -2.66 -4.88
N VAL A 21 -12.85 -1.77 -5.02
CA VAL A 21 -12.58 -0.35 -4.82
C VAL A 21 -12.36 -0.04 -3.34
N ASN A 22 -13.14 -0.66 -2.46
CA ASN A 22 -13.00 -0.30 -1.05
C ASN A 22 -11.71 -0.87 -0.46
N SER A 23 -11.32 -2.07 -0.89
CA SER A 23 -10.11 -2.69 -0.35
C SER A 23 -8.84 -2.08 -0.94
N GLY A 24 -8.89 -1.65 -2.19
CA GLY A 24 -7.68 -1.37 -2.92
C GLY A 24 -6.96 -2.61 -3.42
N ALA A 25 -7.52 -3.79 -3.19
CA ALA A 25 -6.91 -5.02 -3.68
C ALA A 25 -6.95 -5.08 -5.20
N VAL A 26 -5.89 -5.63 -5.78
CA VAL A 26 -5.72 -5.78 -7.22
C VAL A 26 -5.48 -7.25 -7.53
N HIS A 27 -6.21 -7.80 -8.50
CA HIS A 27 -6.12 -9.22 -8.83
C HIS A 27 -5.93 -9.42 -10.33
N VAL A 28 -4.92 -10.21 -10.70
CA VAL A 28 -4.79 -10.73 -12.07
C VAL A 28 -5.52 -12.06 -12.14
N VAL A 29 -6.46 -12.17 -13.09
CA VAL A 29 -7.31 -13.36 -13.17
C VAL A 29 -7.32 -13.93 -14.57
N ASP A 30 -7.56 -15.23 -14.66
CA ASP A 30 -7.65 -15.88 -15.96
C ASP A 30 -9.00 -15.59 -16.62
N ASP A 31 -9.12 -16.00 -17.88
CA ASP A 31 -10.29 -15.68 -18.68
C ASP A 31 -11.58 -16.22 -18.08
N ILE A 32 -11.52 -17.43 -17.50
CA ILE A 32 -12.75 -18.07 -17.03
C ILE A 32 -13.32 -17.32 -15.83
N SER A 33 -12.47 -17.02 -14.84
CA SER A 33 -12.94 -16.25 -13.69
C SER A 33 -13.20 -14.80 -14.05
N PHE A 34 -12.57 -14.31 -15.12
CA PHE A 34 -12.86 -12.95 -15.60
C PHE A 34 -14.27 -12.86 -16.16
N ASP A 35 -14.70 -13.87 -16.93
CA ASP A 35 -16.08 -13.90 -17.40
C ASP A 35 -17.07 -14.27 -16.30
N ILE A 36 -16.61 -14.90 -15.21
CA ILE A 36 -17.50 -15.22 -14.10
C ILE A 36 -18.12 -13.94 -13.54
N LEU A 37 -17.27 -12.96 -13.19
CA LEU A 37 -17.71 -11.75 -12.54
C LEU A 37 -18.71 -10.95 -13.37
N ASP A 38 -18.90 -11.29 -14.65
CA ASP A 38 -20.05 -10.74 -15.37
C ASP A 38 -21.38 -11.19 -14.76
N TYR A 39 -21.37 -12.25 -13.95
CA TYR A 39 -22.60 -12.84 -13.45
C TYR A 39 -22.58 -13.15 -11.96
N TYR A 40 -21.42 -13.06 -11.30
CA TYR A 40 -21.25 -13.68 -9.98
C TYR A 40 -22.21 -13.06 -8.96
N LYS A 41 -22.17 -11.74 -8.82
CA LYS A 41 -22.91 -11.10 -7.74
C LYS A 41 -24.42 -11.21 -7.89
N ASN A 42 -24.94 -11.55 -9.08
CA ASN A 42 -26.37 -11.62 -9.31
C ASN A 42 -26.90 -13.00 -9.67
N PHE A 43 -26.06 -14.02 -9.73
CA PHE A 43 -26.48 -15.33 -10.21
C PHE A 43 -25.90 -16.43 -9.33
N THR A 44 -26.62 -17.55 -9.26
CA THR A 44 -26.19 -18.72 -8.50
C THR A 44 -24.99 -19.38 -9.18
N ALA A 45 -24.44 -20.40 -8.52
CA ALA A 45 -23.48 -21.25 -9.21
C ALA A 45 -24.18 -22.12 -10.25
N GLY A 46 -25.44 -22.50 -9.99
CA GLY A 46 -26.19 -23.28 -10.95
C GLY A 46 -26.60 -22.50 -12.17
N GLU A 47 -26.90 -21.20 -12.01
CA GLU A 47 -27.31 -20.38 -13.14
C GLU A 47 -26.14 -20.06 -14.06
N ILE A 48 -24.93 -20.03 -13.53
CA ILE A 48 -23.79 -19.59 -14.32
C ILE A 48 -23.25 -20.72 -15.19
N LYS A 49 -23.46 -21.97 -14.78
CA LYS A 49 -23.05 -23.09 -15.63
C LYS A 49 -23.78 -23.06 -16.96
N ASN A 50 -25.12 -22.97 -16.92
CA ASN A 50 -25.90 -22.90 -18.16
C ASN A 50 -25.52 -21.67 -18.97
N LYS A 51 -25.09 -20.60 -18.31
CA LYS A 51 -24.64 -19.43 -19.03
C LYS A 51 -23.32 -19.69 -19.73
N LEU A 52 -22.30 -20.12 -18.98
CA LEU A 52 -20.97 -20.32 -19.54
C LEU A 52 -20.78 -21.72 -20.12
N ALA A 53 -21.88 -22.39 -20.50
CA ALA A 53 -21.82 -23.73 -21.08
C ALA A 53 -21.52 -23.71 -22.58
N HIS A 54 -20.66 -22.80 -23.03
CA HIS A 54 -20.18 -22.84 -24.40
C HIS A 54 -18.68 -22.64 -24.51
N LYS A 55 -18.01 -22.17 -23.47
CA LYS A 55 -16.57 -21.96 -23.43
C LYS A 55 -15.88 -22.81 -22.37
N TYR A 56 -16.50 -23.00 -21.22
CA TYR A 56 -15.90 -23.70 -20.09
C TYR A 56 -16.86 -24.78 -19.60
N ASN A 57 -16.32 -25.79 -18.93
CA ASN A 57 -17.15 -26.89 -18.42
C ASN A 57 -17.29 -26.81 -16.91
N ALA A 58 -18.27 -27.56 -16.39
CA ALA A 58 -18.82 -27.31 -15.07
C ALA A 58 -17.74 -27.29 -13.98
N ASP A 59 -16.78 -28.21 -14.04
CA ASP A 59 -15.80 -28.29 -12.96
C ASP A 59 -14.87 -27.09 -12.97
N GLU A 60 -14.24 -26.81 -14.12
CA GLU A 60 -13.35 -25.64 -14.21
C GLU A 60 -14.10 -24.34 -13.91
N ILE A 61 -15.41 -24.31 -14.14
CA ILE A 61 -16.23 -23.18 -13.72
C ILE A 61 -16.30 -23.11 -12.20
N ASP A 62 -16.60 -24.23 -11.55
CA ASP A 62 -16.79 -24.26 -10.10
C ASP A 62 -15.49 -23.93 -9.36
N GLU A 63 -14.36 -24.49 -9.84
CA GLU A 63 -13.08 -24.12 -9.27
C GLU A 63 -12.80 -22.64 -9.44
N ALA A 64 -13.19 -22.06 -10.58
CA ALA A 64 -13.11 -20.61 -10.75
C ALA A 64 -14.01 -19.87 -9.77
N LEU A 65 -15.21 -20.39 -9.49
CA LEU A 65 -16.02 -19.81 -8.42
C LEU A 65 -15.34 -19.97 -7.07
N ARG A 66 -14.58 -21.05 -6.89
CA ARG A 66 -14.07 -21.41 -5.56
C ARG A 66 -13.29 -20.26 -4.95
N GLU A 67 -12.24 -19.79 -5.64
CA GLU A 67 -11.36 -18.77 -5.05
C GLU A 67 -12.02 -17.38 -5.06
N ILE A 68 -12.70 -17.02 -6.15
CA ILE A 68 -13.38 -15.72 -6.21
C ILE A 68 -14.41 -15.63 -5.11
N GLU A 69 -15.00 -16.76 -4.70
CA GLU A 69 -15.87 -16.75 -3.53
C GLU A 69 -15.09 -16.76 -2.23
N SER A 70 -13.82 -17.17 -2.28
CA SER A 70 -12.99 -17.04 -1.09
C SER A 70 -12.33 -15.67 -1.01
N LEU A 71 -11.97 -15.03 -2.13
CA LEU A 71 -11.55 -13.64 -2.01
C LEU A 71 -12.66 -12.79 -1.42
N GLU A 72 -13.90 -13.04 -1.81
CA GLU A 72 -15.00 -12.36 -1.15
C GLU A 72 -15.03 -12.70 0.33
N ALA A 73 -14.89 -13.99 0.67
CA ALA A 73 -14.85 -14.39 2.06
C ALA A 73 -13.59 -13.89 2.76
N GLU A 74 -12.46 -13.82 2.03
CA GLU A 74 -11.26 -13.20 2.60
C GLU A 74 -11.45 -11.70 2.78
N GLY A 75 -12.32 -11.09 1.98
CA GLY A 75 -12.63 -9.68 2.13
C GLY A 75 -11.88 -8.75 1.19
N LEU A 76 -11.41 -9.24 0.06
CA LEU A 76 -10.78 -8.41 -0.96
C LEU A 76 -11.59 -8.34 -2.25
N LEU A 77 -12.75 -8.96 -2.30
CA LEU A 77 -13.78 -8.71 -3.31
C LEU A 77 -15.07 -8.32 -2.58
N PHE A 78 -15.63 -7.16 -2.94
CA PHE A 78 -16.85 -6.65 -2.33
C PHE A 78 -16.61 -6.32 -0.87
N SER A 79 -15.82 -5.29 -0.56
CA SER A 79 -15.31 -5.13 0.80
C SER A 79 -16.40 -4.69 1.77
N GLU A 80 -17.06 -3.56 1.47
CA GLU A 80 -18.09 -2.99 2.36
C GLU A 80 -17.51 -2.73 3.74
N SER A 94 -8.53 24.01 8.02
CA SER A 94 -7.52 23.11 7.48
C SER A 94 -6.13 23.75 7.48
N VAL A 95 -5.08 22.92 7.43
CA VAL A 95 -3.70 23.37 7.46
C VAL A 95 -3.21 23.56 6.03
N VAL A 96 -2.65 24.73 5.76
CA VAL A 96 -2.04 25.00 4.45
C VAL A 96 -0.57 24.60 4.53
N LYS A 97 -0.15 23.76 3.56
CA LYS A 97 1.22 23.25 3.50
C LYS A 97 2.03 23.76 2.30
N ALA A 98 1.40 24.34 1.28
CA ALA A 98 2.12 24.79 0.08
C ALA A 98 1.51 26.08 -0.46
N LEU A 99 2.38 26.95 -0.98
CA LEU A 99 1.96 28.17 -1.66
C LEU A 99 2.52 28.20 -3.08
N CYS A 100 1.67 28.56 -4.04
CA CYS A 100 2.07 28.75 -5.43
C CYS A 100 2.33 30.25 -5.61
N LEU A 101 3.61 30.62 -5.69
CA LEU A 101 3.98 32.03 -5.82
C LEU A 101 3.87 32.46 -7.26
N HIS A 102 3.13 33.54 -7.50
CA HIS A 102 3.14 34.17 -8.81
C HIS A 102 4.18 35.30 -8.80
N ILE A 103 5.43 34.88 -8.99
CA ILE A 103 6.58 35.79 -9.00
C ILE A 103 6.44 36.84 -10.08
N SER A 104 5.70 36.53 -11.16
CA SER A 104 5.46 37.52 -12.21
C SER A 104 4.20 37.14 -12.96
N HIS A 105 3.41 38.15 -13.34
CA HIS A 105 2.34 37.94 -14.30
C HIS A 105 2.72 38.39 -15.71
N ASP A 106 3.91 38.93 -15.87
CA ASP A 106 4.41 39.20 -17.20
C ASP A 106 5.13 37.97 -17.74
N CYS A 107 5.26 37.91 -19.06
CA CYS A 107 5.92 36.78 -19.68
C CYS A 107 6.44 37.16 -21.07
N ASN A 108 7.45 36.43 -21.51
CA ASN A 108 8.02 36.63 -22.84
C ASN A 108 7.49 35.63 -23.85
N LEU A 109 6.55 34.77 -23.46
CA LEU A 109 5.89 33.83 -24.35
C LEU A 109 4.39 34.09 -24.37
N ARG A 110 3.71 33.54 -25.38
CA ARG A 110 2.28 33.74 -25.58
C ARG A 110 1.65 32.40 -26.00
N CYS A 111 1.77 31.41 -25.13
CA CYS A 111 1.33 30.06 -25.45
C CYS A 111 -0.18 29.99 -25.55
N LYS A 112 -0.66 29.41 -26.65
CA LYS A 112 -2.07 29.49 -26.99
C LYS A 112 -2.94 28.94 -25.88
N TYR A 113 -2.61 27.76 -25.36
CA TYR A 113 -3.41 27.07 -24.36
C TYR A 113 -3.32 27.71 -22.99
N CYS A 114 -2.48 28.73 -22.81
CA CYS A 114 -2.25 29.29 -21.49
C CYS A 114 -3.29 30.36 -21.13
N PHE A 115 -3.54 30.49 -19.82
CA PHE A 115 -4.46 31.50 -19.30
C PHE A 115 -3.89 32.92 -19.43
N ALA A 116 -2.59 33.09 -19.30
CA ALA A 116 -1.95 34.39 -19.53
C ALA A 116 -2.12 34.81 -20.97
N SER A 117 -3.37 34.98 -21.38
CA SER A 117 -3.75 35.58 -22.65
C SER A 117 -4.55 36.85 -22.37
N THR A 118 -4.16 37.55 -21.30
CA THR A 118 -4.81 38.78 -20.85
C THR A 118 -3.73 39.79 -20.50
N GLN A 124 -2.10 44.56 -14.54
CA GLN A 124 -1.61 43.62 -15.55
C GLN A 124 -0.08 43.62 -15.68
N ARG A 125 0.50 42.45 -15.90
CA ARG A 125 1.92 42.30 -16.26
C ARG A 125 2.84 42.94 -15.21
N ASN A 126 2.65 42.58 -13.95
CA ASN A 126 3.46 43.14 -12.87
C ASN A 126 4.28 42.06 -12.19
N MET A 127 5.19 42.51 -11.34
CA MET A 127 6.18 41.66 -10.70
C MET A 127 5.90 41.56 -9.20
N MET A 128 6.04 40.37 -8.65
CA MET A 128 5.88 40.22 -7.21
C MET A 128 7.01 40.99 -6.53
N SER A 129 6.62 41.92 -5.66
CA SER A 129 7.59 42.64 -4.83
C SER A 129 8.21 41.69 -3.83
N LEU A 130 9.39 42.04 -3.34
CA LEU A 130 10.02 41.21 -2.32
C LEU A 130 9.21 41.25 -1.03
N GLU A 131 8.64 42.42 -0.69
CA GLU A 131 7.87 42.54 0.53
C GLU A 131 6.59 41.71 0.48
N VAL A 132 6.02 41.50 -0.71
CA VAL A 132 4.90 40.57 -0.80
C VAL A 132 5.38 39.11 -0.73
N GLY A 133 6.59 38.83 -1.20
CA GLY A 133 7.11 37.48 -1.07
C GLY A 133 7.25 37.06 0.37
N LYS A 134 7.86 37.91 1.19
CA LYS A 134 8.09 37.54 2.57
C LYS A 134 6.79 37.52 3.37
N LYS A 135 5.84 38.39 3.02
CA LYS A 135 4.49 38.26 3.58
C LYS A 135 3.82 36.97 3.13
N ALA A 136 4.27 36.38 2.01
CA ALA A 136 3.77 35.05 1.63
C ALA A 136 4.42 33.96 2.49
N ILE A 137 5.72 34.09 2.78
CA ILE A 137 6.39 33.11 3.63
C ILE A 137 5.81 33.14 5.04
N ASP A 138 5.59 34.34 5.60
CA ASP A 138 5.02 34.46 6.93
C ASP A 138 3.61 33.90 6.99
N PHE A 139 2.80 34.19 5.96
CA PHE A 139 1.46 33.61 5.90
C PHE A 139 1.51 32.08 5.92
N LEU A 140 2.47 31.48 5.20
CA LEU A 140 2.56 30.01 5.18
C LEU A 140 2.89 29.46 6.56
N ILE A 141 3.84 30.07 7.26
CA ILE A 141 4.25 29.59 8.58
C ILE A 141 3.09 29.70 9.56
N SER A 142 2.37 30.82 9.51
CA SER A 142 1.29 31.06 10.47
C SER A 142 0.19 30.01 10.34
N GLU A 143 -0.12 29.62 9.10
CA GLU A 143 -1.19 28.69 8.77
C GLU A 143 -0.71 27.26 8.58
N SER A 144 0.57 26.99 8.80
CA SER A 144 1.09 25.64 8.59
C SER A 144 0.83 24.73 9.77
N GLY A 145 0.28 25.27 10.87
CA GLY A 145 0.06 24.45 12.04
C GLY A 145 1.38 24.01 12.62
N ASN A 146 1.56 22.71 12.76
CA ASN A 146 2.84 22.18 13.23
C ASN A 146 3.40 21.18 12.23
N ARG A 147 3.19 21.45 10.94
CA ARG A 147 3.80 20.66 9.88
C ARG A 147 5.19 21.21 9.59
N LYS A 148 6.18 20.32 9.50
CA LYS A 148 7.56 20.74 9.27
C LYS A 148 7.88 20.96 7.80
N ASN A 149 7.24 20.22 6.89
CA ASN A 149 7.58 20.27 5.48
C ASN A 149 6.71 21.30 4.78
N LEU A 150 7.34 22.38 4.31
CA LEU A 150 6.64 23.47 3.65
C LEU A 150 7.10 23.57 2.19
N GLU A 151 6.14 23.75 1.28
CA GLU A 151 6.43 23.83 -0.13
C GLU A 151 6.11 25.21 -0.68
N ILE A 152 7.05 25.74 -1.47
CA ILE A 152 6.91 27.03 -2.16
C ILE A 152 7.21 26.78 -3.62
N ASP A 153 6.21 26.99 -4.47
CA ASP A 153 6.34 26.90 -5.93
C ASP A 153 6.48 28.29 -6.51
N PHE A 154 7.54 28.50 -7.28
CA PHE A 154 7.75 29.73 -8.05
C PHE A 154 7.13 29.58 -9.43
N PHE A 155 6.12 30.40 -9.73
CA PHE A 155 5.21 30.16 -10.84
C PHE A 155 4.79 31.51 -11.42
N GLY A 156 3.65 31.52 -12.12
CA GLY A 156 3.01 32.75 -12.54
C GLY A 156 2.98 32.94 -14.04
N GLY A 157 3.52 34.06 -14.51
CA GLY A 157 4.04 34.16 -15.85
C GLY A 157 5.35 33.42 -15.91
N GLU A 158 6.46 34.14 -16.08
CA GLU A 158 7.79 33.51 -16.08
C GLU A 158 8.59 33.98 -14.88
N PRO A 159 8.77 33.13 -13.86
CA PRO A 159 9.41 33.59 -12.61
C PRO A 159 10.82 34.12 -12.82
N MET A 160 11.55 33.60 -13.80
CA MET A 160 12.92 34.03 -14.00
C MET A 160 13.02 35.46 -14.49
N MET A 161 11.94 36.00 -15.05
CA MET A 161 11.84 37.42 -15.32
C MET A 161 11.96 38.27 -14.06
N ASN A 162 11.81 37.67 -12.87
CA ASN A 162 11.90 38.38 -11.59
C ASN A 162 12.72 37.57 -10.59
N PHE A 163 13.89 37.11 -11.03
CA PHE A 163 14.71 36.19 -10.23
C PHE A 163 15.35 36.86 -9.03
N ASP A 164 15.48 38.19 -9.02
CA ASP A 164 15.97 38.90 -7.85
C ASP A 164 15.12 38.59 -6.62
N VAL A 165 13.80 38.66 -6.78
CA VAL A 165 12.89 38.42 -5.66
C VAL A 165 12.92 36.96 -5.22
N VAL A 166 12.98 36.02 -6.18
CA VAL A 166 13.02 34.60 -5.82
C VAL A 166 14.21 34.31 -4.92
N LYS A 167 15.38 34.85 -5.24
CA LYS A 167 16.54 34.64 -4.38
C LYS A 167 16.32 35.26 -3.02
N GLY A 168 15.63 36.39 -2.97
CA GLY A 168 15.36 37.05 -1.70
C GLY A 168 14.34 36.30 -0.86
N ILE A 169 13.34 35.70 -1.50
CA ILE A 169 12.38 34.90 -0.75
C ILE A 169 13.05 33.66 -0.17
N ILE A 170 13.93 33.03 -0.95
CA ILE A 170 14.61 31.82 -0.47
C ILE A 170 15.51 32.15 0.71
N GLU A 171 16.39 33.16 0.55
CA GLU A 171 17.27 33.53 1.65
C GLU A 171 16.49 33.92 2.89
N TYR A 172 15.27 34.44 2.72
CA TYR A 172 14.42 34.83 3.84
C TYR A 172 13.76 33.63 4.50
N ALA A 173 13.31 32.64 3.70
CA ALA A 173 12.63 31.48 4.27
C ALA A 173 13.58 30.65 5.14
N ARG A 174 14.83 30.47 4.71
CA ARG A 174 15.74 29.61 5.47
C ARG A 174 16.19 30.26 6.77
N GLN A 175 16.27 31.59 6.81
CA GLN A 175 16.40 32.25 8.11
C GLN A 175 15.22 31.89 9.01
N LYS A 176 14.06 31.63 8.42
CA LYS A 176 12.89 31.28 9.22
C LYS A 176 12.84 29.80 9.56
N GLU A 177 13.49 28.96 8.75
CA GLU A 177 13.54 27.52 9.05
C GLU A 177 14.18 27.27 10.41
N LYS A 178 15.27 27.97 10.70
CA LYS A 178 15.95 27.79 11.98
C LYS A 178 15.06 28.17 13.16
N GLU A 179 14.27 29.23 13.01
CA GLU A 179 13.53 29.78 14.15
C GLU A 179 12.21 29.04 14.40
N HIS A 180 11.56 28.54 13.36
CA HIS A 180 10.22 27.97 13.48
C HIS A 180 10.18 26.46 13.38
N ASN A 181 11.35 25.80 13.34
CA ASN A 181 11.43 24.34 13.17
C ASN A 181 10.57 23.88 11.99
N LYS A 182 10.95 24.38 10.82
CA LYS A 182 10.28 24.10 9.56
C LYS A 182 11.31 23.58 8.57
N ASN A 183 10.88 23.32 7.34
CA ASN A 183 11.80 22.97 6.26
C ASN A 183 11.15 23.29 4.92
N PHE A 184 11.76 24.21 4.16
CA PHE A 184 11.15 24.66 2.92
C PHE A 184 11.69 23.87 1.73
N ARG A 185 10.78 23.51 0.83
CA ARG A 185 11.04 22.72 -0.36
C ARG A 185 10.70 23.59 -1.58
N PHE A 186 11.71 24.22 -2.16
CA PHE A 186 11.46 25.16 -3.27
C PHE A 186 11.54 24.45 -4.62
N THR A 187 10.55 24.72 -5.47
CA THR A 187 10.54 24.25 -6.84
C THR A 187 10.33 25.44 -7.77
N LEU A 188 11.00 25.40 -8.93
CA LEU A 188 10.84 26.40 -9.98
C LEU A 188 10.21 25.77 -11.22
N THR A 189 9.40 26.55 -11.94
CA THR A 189 8.83 26.13 -13.22
C THR A 189 9.07 27.24 -14.23
N THR A 190 9.80 26.94 -15.30
CA THR A 190 10.33 27.97 -16.20
C THR A 190 10.15 27.57 -17.65
N ASN A 191 9.96 28.57 -18.52
CA ASN A 191 9.81 28.26 -19.95
C ASN A 191 11.14 27.93 -20.61
N GLY A 192 12.26 28.19 -19.94
CA GLY A 192 13.59 27.85 -20.41
C GLY A 192 14.40 29.01 -20.96
N LEU A 193 13.76 30.09 -21.40
CA LEU A 193 14.44 31.08 -22.24
C LEU A 193 15.58 31.79 -21.51
N LEU A 194 15.44 31.97 -20.20
CA LEU A 194 16.37 32.79 -19.44
C LEU A 194 17.36 32.01 -18.58
N LEU A 195 17.39 30.69 -18.71
CA LEU A 195 18.44 29.90 -18.08
C LEU A 195 19.80 30.18 -18.69
N ASN A 196 20.82 30.33 -17.83
CA ASN A 196 22.20 30.55 -18.25
C ASN A 196 23.11 29.79 -17.30
N ASP A 197 24.42 29.87 -17.57
CA ASP A 197 25.37 29.11 -16.79
C ASP A 197 25.26 29.42 -15.29
N GLU A 198 24.96 30.69 -14.94
CA GLU A 198 25.08 31.13 -13.56
C GLU A 198 23.80 30.90 -12.75
N ASN A 199 22.64 31.20 -13.34
CA ASN A 199 21.39 30.90 -12.64
C ASN A 199 21.07 29.41 -12.63
N ILE A 200 21.76 28.60 -13.44
CA ILE A 200 21.56 27.15 -13.38
C ILE A 200 22.39 26.55 -12.27
N LYS A 201 23.55 27.13 -11.99
CA LYS A 201 24.23 26.83 -10.74
C LYS A 201 23.26 27.05 -9.58
N TYR A 202 22.98 28.32 -9.29
CA TYR A 202 22.12 28.69 -8.16
C TYR A 202 20.87 27.82 -8.08
N ILE A 203 20.29 27.46 -9.23
CA ILE A 203 19.07 26.64 -9.23
C ILE A 203 19.37 25.25 -8.65
N ASN A 204 20.54 24.68 -8.95
CA ASN A 204 20.83 23.34 -8.45
C ASN A 204 21.42 23.32 -7.04
N GLU A 205 21.90 24.42 -6.49
CA GLU A 205 22.20 24.41 -5.07
C GLU A 205 21.07 24.94 -4.19
N ASN A 206 19.89 25.23 -4.75
CA ASN A 206 18.85 25.86 -3.95
C ASN A 206 17.44 25.32 -4.22
N MET A 207 17.09 25.09 -5.47
CA MET A 207 15.78 24.53 -5.79
C MET A 207 15.81 23.02 -5.59
N GLN A 208 14.85 22.48 -4.82
CA GLN A 208 14.79 21.02 -4.67
C GLN A 208 14.31 20.35 -5.94
N ASN A 209 13.45 21.01 -6.72
CA ASN A 209 12.93 20.47 -7.97
C ASN A 209 12.75 21.64 -8.93
N ILE A 210 12.96 21.37 -10.22
CA ILE A 210 12.70 22.32 -11.30
C ILE A 210 11.85 21.62 -12.35
N VAL A 211 10.93 22.35 -12.96
CA VAL A 211 10.02 21.83 -13.98
C VAL A 211 10.31 22.58 -15.28
N LEU A 212 10.64 21.83 -16.34
CA LEU A 212 11.01 22.37 -17.64
C LEU A 212 9.82 22.23 -18.58
N SER A 213 9.39 23.34 -19.17
CA SER A 213 8.20 23.33 -20.01
C SER A 213 8.63 23.16 -21.46
N ILE A 214 8.33 21.99 -22.01
CA ILE A 214 8.57 21.67 -23.41
C ILE A 214 7.55 20.62 -23.79
N ASP A 215 7.03 20.72 -25.01
CA ASP A 215 5.88 19.92 -25.40
C ASP A 215 6.25 18.64 -26.17
N GLY A 216 7.53 18.36 -26.33
CA GLY A 216 7.95 17.15 -27.02
C GLY A 216 8.59 17.41 -28.37
N ARG A 217 8.00 16.86 -29.43
CA ARG A 217 8.50 17.08 -30.78
C ARG A 217 8.51 18.57 -31.12
N LYS A 218 9.39 18.95 -32.05
CA LYS A 218 9.64 20.37 -32.35
C LYS A 218 8.46 21.03 -33.06
N GLU A 219 7.92 20.36 -34.08
CA GLU A 219 6.72 20.85 -34.75
C GLU A 219 5.56 21.03 -33.77
N VAL A 220 5.48 20.18 -32.74
CA VAL A 220 4.41 20.29 -31.75
C VAL A 220 4.67 21.45 -30.80
N ASN A 221 5.90 21.55 -30.31
CA ASN A 221 6.23 22.62 -29.37
C ASN A 221 6.15 23.98 -30.06
N ASP A 222 6.95 24.18 -31.11
CA ASP A 222 6.98 25.44 -31.83
C ASP A 222 5.64 25.79 -32.47
N ARG A 223 4.67 24.87 -32.42
CA ARG A 223 3.34 25.23 -32.90
C ARG A 223 2.65 26.21 -31.95
N MET A 224 2.96 26.17 -30.65
CA MET A 224 2.14 26.88 -29.66
C MET A 224 2.92 27.54 -28.54
N ARG A 225 4.13 27.09 -28.25
CA ARG A 225 4.97 27.80 -27.30
C ARG A 225 5.77 28.80 -28.14
N ILE A 226 5.09 29.89 -28.49
CA ILE A 226 5.62 30.89 -29.41
C ILE A 226 5.71 32.22 -28.69
N ARG A 227 6.47 33.14 -29.28
CA ARG A 227 6.59 34.46 -28.70
C ARG A 227 5.54 35.39 -29.26
N ILE A 228 5.66 36.67 -28.94
CA ILE A 228 4.79 37.67 -29.55
C ILE A 228 4.92 37.63 -31.07
N ASP A 229 6.16 37.51 -31.57
CA ASP A 229 6.38 37.60 -33.02
C ASP A 229 5.90 36.37 -33.79
N GLY A 230 5.66 35.25 -33.11
CA GLY A 230 5.28 34.01 -33.74
C GLY A 230 6.34 32.93 -33.70
N SER A 231 7.60 33.30 -33.49
CA SER A 231 8.70 32.34 -33.50
C SER A 231 8.66 31.45 -32.26
N GLY A 232 9.10 30.21 -32.43
CA GLY A 232 9.06 29.21 -31.39
C GLY A 232 10.21 29.34 -30.41
N CYS A 233 10.31 28.33 -29.53
CA CYS A 233 11.34 28.30 -28.50
C CYS A 233 12.07 26.96 -28.38
N TYR A 234 11.69 25.95 -29.17
CA TYR A 234 12.28 24.61 -29.05
C TYR A 234 13.81 24.62 -29.12
N ASP A 235 14.35 25.18 -30.21
CA ASP A 235 15.79 25.17 -30.43
C ASP A 235 16.57 25.87 -29.32
N ASP A 236 15.95 26.78 -28.58
CA ASP A 236 16.67 27.49 -27.53
C ASP A 236 16.60 26.78 -26.17
N ILE A 237 15.52 26.03 -25.90
CA ILE A 237 15.35 25.43 -24.58
C ILE A 237 15.87 23.99 -24.52
N LEU A 238 15.78 23.24 -25.61
CA LEU A 238 16.30 21.86 -25.59
C LEU A 238 17.75 21.77 -25.16
N PRO A 239 18.67 22.62 -25.63
CA PRO A 239 20.05 22.54 -25.10
C PRO A 239 20.14 22.74 -23.58
N LYS A 240 19.46 23.73 -23.02
CA LYS A 240 19.60 23.99 -21.58
C LYS A 240 18.81 22.99 -20.73
N PHE A 241 17.66 22.52 -21.23
CA PHE A 241 16.91 21.49 -20.53
C PHE A 241 17.71 20.19 -20.44
N LYS A 242 18.25 19.72 -21.56
CA LYS A 242 19.07 18.51 -21.55
C LYS A 242 20.16 18.60 -20.50
N TYR A 243 20.73 19.79 -20.31
CA TYR A 243 21.85 19.93 -19.39
C TYR A 243 21.40 20.01 -17.95
N VAL A 244 20.40 20.85 -17.63
CA VAL A 244 19.92 20.92 -16.25
C VAL A 244 19.59 19.52 -15.75
N ALA A 245 19.04 18.66 -16.62
CA ALA A 245 18.73 17.30 -16.22
C ALA A 245 19.98 16.55 -15.76
N GLU A 246 21.06 16.57 -16.55
CA GLU A 246 22.26 15.83 -16.17
C GLU A 246 23.12 16.56 -15.14
N SER A 247 23.03 17.89 -15.08
CA SER A 247 23.67 18.60 -13.98
C SER A 247 23.14 18.13 -12.63
N ARG A 248 21.88 17.67 -12.59
CA ARG A 248 21.26 17.10 -11.39
C ARG A 248 21.04 15.59 -11.51
N ASN A 249 21.77 14.93 -12.42
CA ASN A 249 21.81 13.47 -12.56
C ASN A 249 20.47 12.88 -12.97
N GLN A 250 19.74 13.59 -13.83
CA GLN A 250 18.49 13.08 -14.38
C GLN A 250 17.47 12.78 -13.29
N ASP A 251 17.50 13.54 -12.20
CA ASP A 251 16.52 13.39 -11.14
C ASP A 251 16.26 14.76 -10.51
N ASN A 252 15.20 14.81 -9.68
CA ASN A 252 14.76 16.04 -9.03
C ASN A 252 14.37 17.11 -10.04
N TYR A 253 13.86 16.66 -11.18
CA TYR A 253 13.34 17.55 -12.21
C TYR A 253 12.34 16.73 -13.00
N TYR A 254 11.58 17.41 -13.85
CA TYR A 254 10.98 16.73 -15.00
C TYR A 254 10.62 17.75 -16.08
N VAL A 255 10.56 17.26 -17.32
CA VAL A 255 10.10 18.05 -18.46
C VAL A 255 8.59 17.94 -18.50
N ARG A 256 7.93 19.08 -18.67
CA ARG A 256 6.50 19.21 -18.46
C ARG A 256 5.85 19.62 -19.78
N GLY A 257 5.04 18.73 -20.33
CA GLY A 257 4.46 18.92 -21.63
C GLY A 257 2.95 18.95 -21.53
N THR A 258 2.32 19.65 -22.48
CA THR A 258 0.88 19.87 -22.45
C THR A 258 0.34 19.49 -23.82
N PHE A 259 -0.47 18.42 -23.88
CA PHE A 259 -1.04 17.99 -25.15
C PHE A 259 -2.47 18.50 -25.26
N THR A 260 -2.80 19.02 -26.44
CA THR A 260 -4.11 19.54 -26.78
C THR A 260 -4.63 18.78 -27.99
N ARG A 261 -5.76 19.25 -28.54
CA ARG A 261 -6.33 18.59 -29.71
C ARG A 261 -5.36 18.57 -30.89
N GLU A 262 -4.38 19.49 -30.90
CA GLU A 262 -3.46 19.61 -32.02
C GLU A 262 -2.40 18.50 -32.04
N ASN A 263 -2.27 17.73 -30.97
CA ASN A 263 -1.27 16.67 -30.93
C ASN A 263 -1.76 15.51 -30.05
N MET A 264 -2.85 14.84 -30.45
CA MET A 264 -3.35 13.72 -29.67
C MET A 264 -2.51 12.45 -29.85
N ASP A 265 -1.56 12.44 -30.78
CA ASP A 265 -0.53 11.40 -30.82
C ASP A 265 0.56 11.62 -29.77
N PHE A 266 0.17 12.08 -28.58
CA PHE A 266 1.15 12.59 -27.61
C PHE A 266 2.15 11.53 -27.13
N SER A 267 1.95 10.25 -27.49
CA SER A 267 2.91 9.22 -27.10
C SER A 267 4.30 9.51 -27.68
N ASN A 268 4.35 9.88 -28.97
CA ASN A 268 5.65 10.19 -29.57
C ASN A 268 6.29 11.39 -28.93
N ASP A 269 5.49 12.32 -28.43
CA ASP A 269 6.00 13.45 -27.68
C ASP A 269 6.74 12.97 -26.44
N VAL A 270 6.15 12.04 -25.69
CA VAL A 270 6.81 11.51 -24.50
C VAL A 270 8.07 10.76 -24.90
N LEU A 271 7.99 9.95 -25.95
CA LEU A 271 9.13 9.14 -26.33
C LEU A 271 10.21 9.96 -27.00
N HIS A 272 9.83 11.01 -27.76
CA HIS A 272 10.84 11.89 -28.32
C HIS A 272 11.63 12.60 -27.23
N LEU A 273 10.94 12.99 -26.15
CA LEU A 273 11.65 13.56 -25.01
C LEU A 273 12.55 12.53 -24.36
N ALA A 274 12.08 11.28 -24.28
CA ALA A 274 12.91 10.19 -23.77
C ALA A 274 14.12 9.98 -24.67
N ASP A 275 13.92 9.98 -25.99
CA ASP A 275 15.02 9.82 -26.94
C ASP A 275 16.08 10.91 -26.79
N GLU A 276 15.68 12.12 -26.39
CA GLU A 276 16.62 13.22 -26.16
C GLU A 276 17.29 13.14 -24.77
N GLY A 277 17.08 12.05 -24.03
CA GLY A 277 17.83 11.83 -22.79
C GLY A 277 17.16 12.31 -21.52
N PHE A 278 15.84 12.38 -21.48
CA PHE A 278 15.11 12.87 -20.32
C PHE A 278 14.48 11.69 -19.59
N ARG A 279 15.02 11.36 -18.42
CA ARG A 279 14.49 10.25 -17.63
C ARG A 279 13.15 10.59 -16.98
N GLN A 280 12.92 11.87 -16.65
CA GLN A 280 11.71 12.30 -15.94
C GLN A 280 10.87 13.18 -16.85
N ILE A 281 9.76 12.63 -17.33
CA ILE A 281 8.89 13.29 -18.30
C ILE A 281 7.48 13.31 -17.74
N SER A 282 6.78 14.43 -17.95
CA SER A 282 5.37 14.55 -17.58
C SER A 282 4.63 15.22 -18.71
N VAL A 283 3.60 14.54 -19.21
CA VAL A 283 2.75 15.08 -20.26
C VAL A 283 1.30 14.95 -19.79
N GLU A 284 0.58 16.06 -19.81
CA GLU A 284 -0.73 16.20 -19.20
C GLU A 284 -1.69 16.82 -20.18
N PRO A 285 -3.00 16.61 -20.02
CA PRO A 285 -3.99 17.35 -20.81
C PRO A 285 -4.09 18.80 -20.35
N VAL A 286 -4.79 19.63 -21.19
CA VAL A 286 -5.08 21.04 -20.89
C VAL A 286 -6.19 21.14 -19.85
N VAL A 287 -6.09 22.17 -19.00
CA VAL A 287 -7.06 22.49 -17.96
C VAL A 287 -7.80 23.75 -18.36
N ALA A 288 -9.13 23.76 -18.13
CA ALA A 288 -9.96 24.94 -18.32
C ALA A 288 -9.92 25.43 -19.76
N ALA A 289 -10.01 24.49 -20.70
CA ALA A 289 -9.85 24.73 -22.12
C ALA A 289 -11.16 24.62 -22.90
N LYS A 290 -12.29 24.85 -22.23
CA LYS A 290 -13.56 24.83 -22.94
C LYS A 290 -13.58 25.92 -24.01
N ASP A 291 -14.18 25.60 -25.16
CA ASP A 291 -14.41 26.55 -26.25
C ASP A 291 -13.13 27.24 -26.74
N SER A 292 -12.00 26.57 -26.61
CA SER A 292 -10.76 27.10 -27.17
C SER A 292 -10.39 26.49 -28.51
N GLY A 293 -10.92 25.30 -28.82
CA GLY A 293 -10.50 24.55 -29.99
C GLY A 293 -9.37 23.57 -29.72
N TYR A 294 -8.82 23.60 -28.50
CA TYR A 294 -7.67 22.81 -28.08
C TYR A 294 -8.07 21.68 -27.13
N ASP A 295 -9.17 21.85 -26.40
CA ASP A 295 -9.60 20.87 -25.43
C ASP A 295 -9.94 19.56 -26.11
N LEU A 296 -10.01 18.51 -25.32
CA LEU A 296 -10.26 17.18 -25.82
C LEU A 296 -11.72 16.83 -25.53
N ARG A 297 -12.39 16.27 -26.54
CA ARG A 297 -13.79 15.91 -26.45
C ARG A 297 -13.91 14.39 -26.32
N GLU A 298 -15.14 13.93 -26.04
CA GLU A 298 -15.35 12.50 -25.85
C GLU A 298 -15.05 11.70 -27.10
N GLU A 299 -15.27 12.29 -28.28
CA GLU A 299 -14.95 11.60 -29.53
C GLU A 299 -13.48 11.21 -29.57
N ASP A 300 -12.62 11.99 -28.91
CA ASP A 300 -11.20 11.72 -28.87
C ASP A 300 -10.80 10.71 -27.81
N LEU A 301 -11.75 10.29 -26.95
CA LEU A 301 -11.40 9.34 -25.88
C LEU A 301 -10.87 8.01 -26.43
N PRO A 302 -11.55 7.30 -27.36
CA PRO A 302 -10.91 6.14 -27.98
C PRO A 302 -9.80 6.52 -28.94
N ARG A 303 -9.40 7.79 -28.94
CA ARG A 303 -8.15 8.18 -29.60
C ARG A 303 -7.03 8.40 -28.59
N LEU A 304 -7.35 9.02 -27.45
CA LEU A 304 -6.34 9.27 -26.42
C LEU A 304 -6.00 8.01 -25.63
N PHE A 305 -6.96 7.10 -25.47
CA PHE A 305 -6.71 5.90 -24.69
C PHE A 305 -5.55 5.08 -25.24
N GLU A 306 -5.52 4.87 -26.57
CA GLU A 306 -4.58 3.93 -27.16
C GLU A 306 -3.14 4.38 -26.95
N GLU A 307 -2.89 5.68 -26.91
CA GLU A 307 -1.53 6.16 -26.72
C GLU A 307 -1.11 6.09 -25.27
N TYR A 308 -2.06 6.17 -24.33
CA TYR A 308 -1.76 5.82 -22.95
C TYR A 308 -1.35 4.35 -22.84
N GLU A 309 -2.17 3.45 -23.39
CA GLU A 309 -1.77 2.06 -23.48
C GLU A 309 -0.48 1.90 -24.27
N LYS A 310 -0.35 2.62 -25.38
CA LYS A 310 0.87 2.55 -26.18
C LYS A 310 2.07 2.98 -25.34
N LEU A 311 1.88 3.98 -24.48
CA LEU A 311 2.95 4.42 -23.59
C LEU A 311 3.27 3.36 -22.53
N ALA A 312 2.25 2.86 -21.85
CA ALA A 312 2.47 1.91 -20.76
C ALA A 312 3.18 0.67 -21.24
N TYR A 313 3.00 0.34 -22.53
CA TYR A 313 3.70 -0.80 -23.10
C TYR A 313 5.19 -0.53 -23.17
N GLU A 314 5.56 0.68 -23.60
CA GLU A 314 6.97 0.97 -23.85
C GLU A 314 7.74 1.11 -22.55
N TYR A 315 7.15 1.73 -21.52
CA TYR A 315 7.85 1.86 -20.25
C TYR A 315 8.26 0.49 -19.71
N VAL A 316 7.39 -0.51 -19.85
CA VAL A 316 7.75 -1.87 -19.49
C VAL A 316 8.82 -2.41 -20.44
N LYS A 317 8.79 -1.96 -21.70
CA LYS A 317 9.70 -2.52 -22.70
C LYS A 317 11.13 -2.07 -22.45
N ARG A 318 11.28 -0.80 -22.02
CA ARG A 318 12.52 -0.18 -21.58
C ARG A 318 12.62 -0.08 -20.06
N ARG A 319 12.01 -1.00 -19.31
CA ARG A 319 12.09 -0.89 -17.86
C ARG A 319 13.51 -1.19 -17.39
N LYS A 320 14.08 -2.30 -17.86
CA LYS A 320 15.37 -2.79 -17.39
C LYS A 320 16.48 -2.66 -18.42
N GLU A 321 16.21 -2.11 -19.60
CA GLU A 321 17.21 -1.99 -20.65
C GLU A 321 18.02 -0.71 -20.45
N GLY A 322 18.96 -0.45 -21.38
CA GLY A 322 19.77 0.75 -21.30
C GLY A 322 18.92 2.01 -21.31
N ASN A 323 17.97 2.09 -22.24
CA ASN A 323 16.98 3.16 -22.24
C ASN A 323 15.96 2.93 -21.12
N TRP A 324 15.57 4.01 -20.47
CA TRP A 324 14.50 3.96 -19.48
C TRP A 324 14.01 5.37 -19.28
N PHE A 325 12.72 5.52 -18.99
CA PHE A 325 12.14 6.84 -18.73
C PHE A 325 11.00 6.70 -17.75
N ASN A 326 10.85 7.70 -16.90
CA ASN A 326 9.76 7.76 -15.92
C ASN A 326 8.68 8.70 -16.45
N PHE A 327 7.46 8.19 -16.56
CA PHE A 327 6.30 9.01 -16.90
C PHE A 327 5.51 9.28 -15.62
N PHE A 328 5.34 10.56 -15.29
CA PHE A 328 4.85 10.94 -13.96
C PHE A 328 3.45 10.40 -13.68
N HIS A 329 2.56 10.38 -14.67
CA HIS A 329 1.16 10.03 -14.43
C HIS A 329 0.94 8.54 -14.23
N PHE A 330 1.96 7.72 -14.39
CA PHE A 330 1.89 6.31 -14.04
C PHE A 330 2.40 6.03 -12.63
N MET A 331 3.10 6.97 -12.02
CA MET A 331 3.62 6.78 -10.67
C MET A 331 2.47 6.89 -9.67
N ILE A 332 2.12 5.77 -9.04
CA ILE A 332 1.06 5.75 -8.04
C ILE A 332 1.56 5.55 -6.62
N THR A 345 -5.38 11.14 -0.29
CA THR A 345 -5.37 12.59 -0.13
C THR A 345 -6.16 13.26 -1.25
N GLY A 346 -5.58 14.31 -1.84
CA GLY A 346 -6.18 15.07 -2.91
C GLY A 346 -5.19 16.11 -3.41
N CYS A 347 -5.60 16.86 -4.44
CA CYS A 347 -4.71 17.88 -5.00
C CYS A 347 -4.57 19.09 -4.06
N GLY A 348 -5.62 19.40 -3.29
CA GLY A 348 -5.50 20.32 -2.18
C GLY A 348 -5.80 21.78 -2.47
N SER A 349 -6.05 22.15 -3.73
CA SER A 349 -6.22 23.56 -4.07
C SER A 349 -7.43 24.14 -3.35
N GLY A 350 -7.20 25.23 -2.63
CA GLY A 350 -8.25 25.93 -1.94
C GLY A 350 -8.31 25.71 -0.44
N HIS A 351 -7.54 24.78 0.09
CA HIS A 351 -7.57 24.50 1.53
C HIS A 351 -6.19 24.11 2.05
N GLU A 352 -5.46 23.29 1.27
CA GLU A 352 -4.09 22.93 1.60
C GLU A 352 -3.07 23.53 0.63
N TYR A 353 -3.52 24.00 -0.53
CA TYR A 353 -2.67 24.58 -1.57
C TYR A 353 -3.33 25.86 -2.03
N LEU A 354 -2.57 26.96 -2.01
CA LEU A 354 -3.11 28.27 -2.35
C LEU A 354 -2.11 29.04 -3.22
N ALA A 355 -2.63 29.81 -4.16
CA ALA A 355 -1.82 30.66 -5.01
C ALA A 355 -1.84 32.09 -4.49
N VAL A 356 -0.70 32.77 -4.65
CA VAL A 356 -0.55 34.14 -4.19
C VAL A 356 -0.20 35.00 -5.39
N THR A 357 -1.13 35.88 -5.76
CA THR A 357 -0.93 36.89 -6.79
C THR A 357 0.22 37.83 -6.41
N PRO A 358 0.83 38.52 -7.40
CA PRO A 358 1.99 39.39 -7.06
C PRO A 358 1.66 40.53 -6.10
N GLU A 359 0.41 40.99 -6.10
CA GLU A 359 -0.05 42.02 -5.18
C GLU A 359 -0.37 41.44 -3.80
N GLY A 360 -0.19 40.14 -3.61
CA GLY A 360 -0.48 39.47 -2.36
C GLY A 360 -1.83 38.77 -2.29
N ASP A 361 -2.67 38.88 -3.30
CA ASP A 361 -3.99 38.27 -3.24
C ASP A 361 -3.90 36.75 -3.20
N ILE A 362 -4.77 36.13 -2.40
CA ILE A 362 -4.77 34.69 -2.18
C ILE A 362 -5.90 34.07 -2.98
N TYR A 363 -5.60 32.97 -3.70
CA TYR A 363 -6.55 32.27 -4.54
C TYR A 363 -6.36 30.76 -4.40
N PRO A 364 -7.44 29.98 -4.60
CA PRO A 364 -7.33 28.52 -4.47
C PRO A 364 -6.16 27.89 -5.21
N CYS A 365 -5.95 28.27 -6.47
CA CYS A 365 -4.76 27.81 -7.18
C CYS A 365 -4.47 28.78 -8.32
N HIS A 366 -3.37 28.49 -9.04
CA HIS A 366 -2.96 29.37 -10.13
C HIS A 366 -4.05 29.55 -11.17
N GLN A 367 -4.90 28.53 -11.36
CA GLN A 367 -5.93 28.59 -12.38
C GLN A 367 -7.13 29.44 -11.97
N PHE A 368 -7.21 29.89 -10.73
CA PHE A 368 -8.38 30.62 -10.27
C PHE A 368 -8.16 32.12 -10.08
N VAL A 369 -6.94 32.62 -10.30
CA VAL A 369 -6.69 34.03 -9.98
C VAL A 369 -7.40 34.97 -10.94
N GLY A 370 -7.83 34.48 -12.10
CA GLY A 370 -8.84 35.19 -12.85
C GLY A 370 -10.09 35.50 -12.05
N ASN A 371 -10.85 34.46 -11.67
CA ASN A 371 -12.17 34.66 -11.07
C ASN A 371 -12.03 35.35 -9.72
N GLU A 372 -12.79 36.45 -9.56
CA GLU A 372 -12.75 37.27 -8.35
C GLU A 372 -13.58 36.69 -7.22
N LYS A 373 -14.63 35.92 -7.54
CA LYS A 373 -15.48 35.36 -6.49
C LYS A 373 -14.70 34.45 -5.55
N PHE A 374 -13.71 33.73 -6.07
CA PHE A 374 -12.88 32.83 -5.26
C PHE A 374 -11.70 33.55 -4.63
N LYS A 375 -11.75 34.87 -4.56
CA LYS A 375 -10.71 35.63 -3.87
C LYS A 375 -10.83 35.43 -2.37
N MET A 376 -9.72 35.10 -1.72
CA MET A 376 -9.75 34.64 -0.34
C MET A 376 -8.99 35.52 0.65
N GLY A 377 -8.32 36.56 0.21
CA GLY A 377 -7.61 37.42 1.11
C GLY A 377 -6.33 37.91 0.47
N ASN A 378 -5.53 38.60 1.25
CA ASN A 378 -4.23 39.08 0.81
C ASN A 378 -3.20 38.72 1.87
N VAL A 379 -2.02 38.28 1.42
CA VAL A 379 -0.97 37.86 2.34
C VAL A 379 -0.41 39.00 3.16
N LYS A 380 -0.65 40.27 2.77
CA LYS A 380 -0.31 41.39 3.64
C LYS A 380 -1.20 41.38 4.86
N GLU A 381 -2.50 41.61 4.66
CA GLU A 381 -3.45 41.49 5.77
C GLU A 381 -3.43 40.09 6.35
N GLY A 382 -3.10 39.11 5.54
CA GLY A 382 -2.69 37.81 6.02
C GLY A 382 -3.73 36.99 6.74
N VAL A 383 -5.01 37.36 6.68
CA VAL A 383 -6.08 36.55 7.25
C VAL A 383 -6.83 35.88 6.11
N LEU A 384 -7.11 34.58 6.28
CA LEU A 384 -7.66 33.75 5.22
C LEU A 384 -9.17 33.66 5.35
N ASN A 385 -9.87 33.83 4.22
CA ASN A 385 -11.30 33.56 4.21
C ASN A 385 -11.54 32.08 4.39
N ARG A 386 -12.37 31.72 5.38
CA ARG A 386 -12.48 30.34 5.80
C ARG A 386 -13.49 29.52 5.02
N ASP A 387 -14.61 30.14 4.64
CA ASP A 387 -15.71 29.38 4.09
C ASP A 387 -15.56 29.12 2.62
N ILE A 388 -14.76 29.92 1.91
CA ILE A 388 -14.24 29.47 0.61
C ILE A 388 -13.24 28.35 0.84
N GLN A 389 -12.43 28.45 1.89
CA GLN A 389 -11.47 27.39 2.19
C GLN A 389 -12.19 26.09 2.53
N ASN A 390 -13.22 26.16 3.37
CA ASN A 390 -13.95 24.95 3.71
C ASN A 390 -14.81 24.48 2.54
N TYR A 391 -15.33 25.42 1.74
CA TYR A 391 -16.06 25.04 0.53
C TYR A 391 -15.20 24.18 -0.38
N PHE A 392 -13.89 24.46 -0.45
CA PHE A 392 -12.97 23.66 -1.24
C PHE A 392 -12.54 22.39 -0.51
N LYS A 393 -12.35 22.46 0.81
CA LYS A 393 -11.94 21.28 1.57
C LYS A 393 -13.00 20.18 1.50
N ASN A 394 -14.28 20.56 1.45
CA ASN A 394 -15.40 19.62 1.37
C ASN A 394 -15.82 19.35 -0.07
N SER A 395 -14.85 19.13 -0.95
CA SER A 395 -15.12 18.80 -2.35
C SER A 395 -14.18 17.64 -2.66
N ASN A 396 -14.55 16.45 -2.20
CA ASN A 396 -13.73 15.24 -2.31
C ASN A 396 -14.55 14.13 -2.95
N VAL A 397 -14.01 12.90 -2.91
CA VAL A 397 -14.66 11.80 -3.61
C VAL A 397 -15.90 11.28 -2.88
N TYR A 398 -16.05 11.60 -1.59
CA TYR A 398 -17.29 11.25 -0.88
C TYR A 398 -18.40 12.27 -1.13
N THR A 399 -18.03 13.55 -1.36
CA THR A 399 -19.02 14.62 -1.45
C THR A 399 -19.83 14.53 -2.74
N LYS A 400 -19.17 14.59 -3.90
CA LYS A 400 -19.88 14.67 -5.16
C LYS A 400 -20.54 13.33 -5.51
N LYS A 401 -21.80 13.38 -5.95
CA LYS A 401 -22.55 12.14 -6.16
C LYS A 401 -21.95 11.32 -7.30
N GLU A 402 -21.43 11.98 -8.33
CA GLU A 402 -20.91 11.27 -9.50
C GLU A 402 -19.64 10.48 -9.18
N CYS A 403 -18.93 10.83 -8.11
CA CYS A 403 -17.72 10.11 -7.72
C CYS A 403 -18.04 8.83 -6.95
N ASP A 404 -19.09 8.85 -6.14
CA ASP A 404 -19.40 7.69 -5.31
C ASP A 404 -19.70 6.45 -6.16
N SER A 405 -20.16 6.66 -7.39
CA SER A 405 -20.36 5.57 -8.34
C SER A 405 -19.06 5.03 -8.92
N CYS A 406 -17.97 5.79 -8.84
CA CYS A 406 -16.76 5.49 -9.59
C CYS A 406 -15.88 4.49 -8.86
N TRP A 407 -15.11 3.75 -9.64
CA TRP A 407 -14.23 2.71 -9.12
C TRP A 407 -12.86 3.23 -8.71
N ALA A 408 -12.41 4.35 -9.27
CA ALA A 408 -11.09 4.88 -8.96
C ALA A 408 -11.15 6.05 -7.98
N LYS A 409 -12.19 6.09 -7.12
CA LYS A 409 -12.29 7.17 -6.14
C LYS A 409 -11.09 7.19 -5.19
N PHE A 410 -10.67 6.03 -4.72
CA PHE A 410 -9.50 5.94 -3.84
C PHE A 410 -8.19 5.81 -4.60
N TYR A 411 -8.21 5.91 -5.93
CA TYR A 411 -6.99 5.95 -6.74
C TYR A 411 -6.78 7.28 -7.45
N CYS A 412 -7.73 8.19 -7.37
CA CYS A 412 -7.71 9.39 -8.21
C CYS A 412 -6.99 10.55 -7.56
N SER A 413 -6.75 11.58 -8.37
CA SER A 413 -6.32 12.88 -7.86
C SER A 413 -7.42 13.58 -7.08
N GLY A 414 -8.66 13.11 -7.18
CA GLY A 414 -9.80 13.82 -6.66
C GLY A 414 -10.46 14.75 -7.65
N GLY A 415 -9.90 14.86 -8.86
CA GLY A 415 -10.42 15.74 -9.89
C GLY A 415 -9.67 17.05 -9.96
N CYS A 416 -10.11 17.89 -10.87
CA CYS A 416 -9.56 19.23 -11.04
C CYS A 416 -10.68 20.24 -10.86
N ALA A 417 -10.56 21.08 -9.82
CA ALA A 417 -11.59 22.08 -9.55
C ALA A 417 -11.62 23.17 -10.63
N ALA A 418 -10.47 23.47 -11.24
CA ALA A 418 -10.46 24.41 -12.35
C ALA A 418 -11.25 23.87 -13.53
N ASN A 419 -11.08 22.58 -13.85
CA ASN A 419 -11.84 22.00 -14.96
C ASN A 419 -13.33 21.95 -14.66
N SER A 420 -13.71 21.64 -13.42
CA SER A 420 -15.11 21.58 -13.07
C SER A 420 -15.77 22.96 -13.19
N TYR A 421 -15.12 24.00 -12.69
CA TYR A 421 -15.73 25.31 -12.76
C TYR A 421 -15.68 25.88 -14.19
N ASN A 422 -14.74 25.42 -15.01
CA ASN A 422 -14.65 25.95 -16.36
C ASN A 422 -15.67 25.32 -17.29
N PHE A 423 -15.97 24.04 -17.10
CA PHE A 423 -16.93 23.37 -17.95
C PHE A 423 -18.36 23.41 -17.42
N HIS A 424 -18.53 23.61 -16.11
CA HIS A 424 -19.86 23.61 -15.51
C HIS A 424 -20.11 24.72 -14.51
N LYS A 425 -19.16 25.65 -14.32
CA LYS A 425 -19.32 26.78 -13.37
C LYS A 425 -19.66 26.29 -11.97
N ASP A 426 -19.13 25.14 -11.57
CA ASP A 426 -19.35 24.61 -10.23
C ASP A 426 -18.22 23.65 -9.87
N ILE A 427 -17.65 23.84 -8.68
CA ILE A 427 -16.46 23.10 -8.25
C ILE A 427 -16.73 21.61 -8.06
N ASN A 428 -18.00 21.19 -7.98
CA ASN A 428 -18.33 19.87 -7.49
C ASN A 428 -19.18 19.08 -8.48
N THR A 429 -18.90 19.22 -9.77
CA THR A 429 -19.50 18.34 -10.75
C THR A 429 -18.41 17.85 -11.69
N VAL A 430 -18.46 16.56 -11.99
CA VAL A 430 -17.35 15.91 -12.69
C VAL A 430 -17.25 16.46 -14.10
N TYR A 431 -16.01 16.59 -14.57
CA TYR A 431 -15.71 16.97 -15.95
C TYR A 431 -15.40 15.67 -16.68
N LYS A 432 -16.39 15.16 -17.44
CA LYS A 432 -16.41 13.76 -17.83
C LYS A 432 -15.17 13.36 -18.61
N VAL A 433 -14.69 14.20 -19.53
CA VAL A 433 -13.53 13.78 -20.33
C VAL A 433 -12.29 13.69 -19.43
N GLY A 434 -11.90 14.79 -18.78
CA GLY A 434 -10.65 14.86 -18.04
C GLY A 434 -10.54 13.85 -16.92
N CYS A 435 -11.60 13.08 -16.81
CA CYS A 435 -11.83 12.08 -15.77
C CYS A 435 -11.66 10.65 -16.27
N GLU A 436 -12.23 10.34 -17.43
CA GLU A 436 -12.01 9.05 -18.06
C GLU A 436 -10.56 8.93 -18.56
N LEU A 437 -9.92 10.05 -18.89
CA LEU A 437 -8.47 10.03 -19.09
C LEU A 437 -7.76 9.50 -17.86
N GLU A 438 -8.02 10.09 -16.68
CA GLU A 438 -7.28 9.68 -15.50
C GLU A 438 -7.60 8.23 -15.12
N LYS A 439 -8.84 7.80 -15.33
CA LYS A 439 -9.19 6.41 -15.04
C LYS A 439 -8.37 5.45 -15.91
N LYS A 440 -8.12 5.82 -17.17
CA LYS A 440 -7.28 4.99 -18.04
C LYS A 440 -5.82 5.00 -17.58
N ARG A 441 -5.34 6.15 -17.10
CA ARG A 441 -4.00 6.21 -16.52
C ARG A 441 -3.92 5.37 -15.26
N VAL A 442 -4.96 5.40 -14.43
CA VAL A 442 -5.03 4.50 -13.29
C VAL A 442 -5.01 3.05 -13.77
N GLU A 443 -5.75 2.76 -14.85
CA GLU A 443 -5.73 1.42 -15.42
C GLU A 443 -4.36 1.07 -15.97
N CYS A 444 -3.66 2.04 -16.56
CA CYS A 444 -2.35 1.78 -17.13
C CYS A 444 -1.28 1.64 -16.05
N ALA A 445 -1.41 2.42 -14.97
CA ALA A 445 -0.47 2.28 -13.85
C ALA A 445 -0.66 0.96 -13.11
N LEU A 446 -1.92 0.56 -12.85
CA LEU A 446 -2.17 -0.73 -12.23
C LEU A 446 -1.61 -1.86 -13.07
N TRP A 447 -1.74 -1.73 -14.40
CA TRP A 447 -1.33 -2.79 -15.30
C TRP A 447 0.18 -2.93 -15.37
N ILE A 448 0.92 -1.81 -15.29
CA ILE A 448 2.39 -1.87 -15.29
C ILE A 448 2.90 -2.67 -14.09
N LYS A 449 2.31 -2.44 -12.91
CA LYS A 449 2.71 -3.16 -11.71
C LYS A 449 2.36 -4.64 -11.76
N ALA A 450 1.51 -5.06 -12.69
CA ALA A 450 1.22 -6.49 -12.79
C ALA A 450 2.43 -7.28 -13.31
N GLN A 451 3.29 -6.64 -14.11
CA GLN A 451 4.51 -7.27 -14.60
C GLN A 451 5.66 -7.12 -13.60
N MET B 4 9.78 8.59 18.26
CA MET B 4 8.52 8.57 17.54
C MET B 4 8.76 8.67 16.04
N ALA B 5 9.91 9.27 15.70
CA ALA B 5 10.14 9.90 14.41
C ALA B 5 11.45 9.40 13.80
N MET B 6 11.44 8.16 13.30
CA MET B 6 12.69 7.49 12.99
C MET B 6 12.55 6.66 11.71
N ILE B 7 13.67 6.06 11.33
CA ILE B 7 13.76 5.18 10.16
C ILE B 7 14.58 3.96 10.54
N HIS B 8 14.47 2.93 9.72
CA HIS B 8 15.25 1.72 9.89
C HIS B 8 16.03 1.43 8.62
N LYS B 9 17.34 1.29 8.77
CA LYS B 9 18.22 0.87 7.69
C LYS B 9 18.75 -0.53 7.97
N PHE B 10 18.84 -1.35 6.92
CA PHE B 10 19.45 -2.67 6.96
C PHE B 10 19.77 -3.09 5.54
N SER B 11 20.62 -4.11 5.42
CA SER B 11 21.03 -4.63 4.12
C SER B 11 20.98 -6.16 4.13
N MET B 12 20.61 -6.74 2.99
CA MET B 12 20.66 -8.18 2.78
C MET B 12 21.25 -8.47 1.41
N MET B 13 22.10 -9.50 1.35
CA MET B 13 22.76 -9.92 0.11
C MET B 13 23.19 -8.70 -0.72
N GLY B 14 23.79 -7.73 -0.05
CA GLY B 14 24.34 -6.58 -0.74
C GLY B 14 23.31 -5.64 -1.34
N THR B 15 22.04 -5.73 -0.97
CA THR B 15 21.02 -4.75 -1.30
C THR B 15 20.61 -4.00 -0.04
N ASN B 16 20.47 -2.68 -0.16
CA ASN B 16 20.31 -1.79 0.98
C ASN B 16 18.95 -1.11 0.91
N ILE B 17 18.07 -1.42 1.85
CA ILE B 17 16.76 -0.80 1.86
C ILE B 17 16.57 -0.02 3.16
N VAL B 18 15.84 1.08 3.05
CA VAL B 18 15.55 1.98 4.16
C VAL B 18 14.03 2.03 4.33
N VAL B 19 13.58 1.91 5.58
CA VAL B 19 12.17 1.97 5.92
C VAL B 19 11.97 3.23 6.76
N ASP B 20 11.27 4.22 6.22
CA ASP B 20 10.81 5.34 7.03
C ASP B 20 9.49 4.92 7.68
N VAL B 21 9.49 4.86 9.01
CA VAL B 21 8.37 4.24 9.72
C VAL B 21 7.08 5.03 9.50
N ASN B 22 7.11 6.32 9.86
CA ASN B 22 5.89 7.13 9.87
C ASN B 22 5.25 7.25 8.49
N SER B 23 5.96 6.93 7.41
CA SER B 23 5.36 7.02 6.10
C SER B 23 5.01 5.67 5.51
N GLY B 24 5.61 4.58 5.99
CA GLY B 24 5.48 3.31 5.31
C GLY B 24 6.16 3.29 3.96
N ALA B 25 7.28 4.00 3.83
CA ALA B 25 8.00 4.15 2.58
C ALA B 25 9.27 3.32 2.59
N VAL B 26 9.52 2.62 1.47
CA VAL B 26 10.68 1.75 1.33
C VAL B 26 11.52 2.26 0.16
N HIS B 27 12.83 2.35 0.36
CA HIS B 27 13.78 2.80 -0.65
C HIS B 27 14.94 1.82 -0.69
N VAL B 28 15.15 1.21 -1.85
CA VAL B 28 16.42 0.53 -2.13
C VAL B 28 17.40 1.59 -2.60
N VAL B 29 18.41 1.86 -1.79
CA VAL B 29 19.34 2.93 -2.08
C VAL B 29 20.69 2.34 -2.42
N ASP B 30 21.52 3.15 -3.07
CA ASP B 30 22.93 2.81 -3.30
C ASP B 30 23.65 2.62 -1.96
N ASP B 31 24.95 2.33 -1.99
CA ASP B 31 25.73 2.27 -0.75
C ASP B 31 26.44 3.58 -0.40
N ILE B 32 26.77 4.45 -1.38
CA ILE B 32 27.14 5.83 -1.05
C ILE B 32 26.15 6.41 -0.07
N SER B 33 24.86 6.40 -0.43
CA SER B 33 23.83 7.05 0.36
C SER B 33 23.62 6.34 1.69
N PHE B 34 23.74 4.99 1.69
CA PHE B 34 23.41 4.16 2.85
C PHE B 34 24.13 4.64 4.09
N ASP B 35 25.46 4.62 4.07
CA ASP B 35 26.21 4.91 5.27
C ASP B 35 26.28 6.40 5.59
N ILE B 36 25.68 7.29 4.78
CA ILE B 36 25.57 8.69 5.17
C ILE B 36 24.38 8.86 6.13
N LEU B 37 23.28 8.16 5.89
CA LEU B 37 22.17 8.24 6.85
C LEU B 37 22.58 7.81 8.26
N ASP B 38 23.66 7.02 8.40
CA ASP B 38 24.19 6.71 9.72
C ASP B 38 24.43 7.98 10.54
N TYR B 39 25.01 9.00 9.92
CA TYR B 39 25.33 10.25 10.60
C TYR B 39 24.37 11.37 10.23
N TYR B 40 23.38 11.11 9.37
CA TYR B 40 22.72 12.21 8.68
C TYR B 40 21.79 12.99 9.61
N LYS B 41 21.11 12.31 10.54
CA LYS B 41 20.04 12.96 11.29
C LYS B 41 20.57 14.06 12.21
N ASN B 42 21.74 13.84 12.80
CA ASN B 42 22.27 14.73 13.82
C ASN B 42 23.42 15.60 13.34
N PHE B 43 23.80 15.52 12.06
CA PHE B 43 25.02 16.16 11.59
C PHE B 43 24.81 16.79 10.22
N THR B 44 25.45 17.94 10.00
CA THR B 44 25.34 18.68 8.74
C THR B 44 26.16 18.03 7.64
N ALA B 45 26.37 18.73 6.53
CA ALA B 45 26.96 18.13 5.34
C ALA B 45 28.48 18.19 5.31
N GLY B 46 29.10 19.13 6.02
CA GLY B 46 30.54 19.30 5.96
C GLY B 46 31.32 18.21 6.66
N GLU B 47 31.02 17.99 7.95
CA GLU B 47 31.67 16.91 8.68
C GLU B 47 31.47 15.59 7.96
N ILE B 48 30.27 15.36 7.44
CA ILE B 48 29.96 14.13 6.72
C ILE B 48 30.80 14.03 5.45
N LYS B 49 30.97 15.15 4.73
CA LYS B 49 31.84 15.14 3.56
C LYS B 49 33.25 14.72 3.93
N ASN B 50 33.79 15.31 5.00
CA ASN B 50 35.13 14.95 5.48
C ASN B 50 35.14 13.62 6.23
N LYS B 51 34.06 13.26 6.93
CA LYS B 51 34.03 11.99 7.66
C LYS B 51 34.04 10.80 6.71
N LEU B 52 33.50 10.96 5.50
CA LEU B 52 33.51 9.89 4.51
C LEU B 52 34.40 10.17 3.30
N ALA B 53 35.28 11.17 3.39
CA ALA B 53 36.24 11.42 2.32
C ALA B 53 37.10 10.21 2.00
N HIS B 54 37.19 9.23 2.92
CA HIS B 54 38.02 8.05 2.70
C HIS B 54 37.53 7.25 1.50
N LYS B 55 36.28 6.81 1.55
CA LYS B 55 35.73 5.96 0.50
C LYS B 55 35.13 6.73 -0.68
N TYR B 56 34.87 8.02 -0.54
CA TYR B 56 34.01 8.72 -1.50
C TYR B 56 34.46 10.17 -1.69
N ASN B 57 34.13 10.71 -2.86
CA ASN B 57 34.59 12.00 -3.35
C ASN B 57 33.62 13.12 -2.90
N ALA B 58 34.08 14.37 -3.05
CA ALA B 58 33.37 15.51 -2.49
C ALA B 58 31.98 15.68 -3.09
N ASP B 59 31.87 15.64 -4.42
CA ASP B 59 30.56 15.90 -5.03
C ASP B 59 29.67 14.66 -5.03
N GLU B 60 30.26 13.47 -5.02
CA GLU B 60 29.45 12.25 -5.00
C GLU B 60 28.70 12.07 -3.68
N ILE B 61 29.23 12.63 -2.58
CA ILE B 61 28.48 12.66 -1.34
C ILE B 61 27.51 13.85 -1.33
N ASP B 62 27.97 15.00 -1.81
CA ASP B 62 27.08 16.16 -1.94
C ASP B 62 25.92 15.86 -2.88
N GLU B 63 26.15 15.06 -3.92
CA GLU B 63 25.09 14.71 -4.85
C GLU B 63 24.10 13.74 -4.22
N ALA B 64 24.60 12.74 -3.49
CA ALA B 64 23.73 11.77 -2.84
C ALA B 64 23.02 12.39 -1.64
N LEU B 65 23.72 13.24 -0.89
CA LEU B 65 23.11 13.92 0.25
C LEU B 65 22.03 14.87 -0.22
N ARG B 66 22.27 15.57 -1.33
CA ARG B 66 21.29 16.53 -1.85
C ARG B 66 19.97 15.84 -2.20
N GLU B 67 20.01 14.57 -2.60
CA GLU B 67 18.77 13.85 -2.88
C GLU B 67 18.15 13.29 -1.61
N ILE B 68 18.97 12.89 -0.64
CA ILE B 68 18.44 12.52 0.68
C ILE B 68 17.67 13.69 1.27
N GLU B 69 18.27 14.88 1.24
CA GLU B 69 17.55 16.09 1.64
C GLU B 69 16.30 16.31 0.80
N SER B 70 16.28 15.80 -0.45
CA SER B 70 15.08 15.92 -1.27
C SER B 70 14.01 14.89 -0.86
N LEU B 71 14.43 13.73 -0.33
CA LEU B 71 13.47 12.73 0.14
C LEU B 71 12.89 13.09 1.50
N GLU B 72 13.68 13.72 2.38
CA GLU B 72 13.14 14.22 3.64
C GLU B 72 12.25 15.43 3.41
N ALA B 73 12.65 16.31 2.48
CA ALA B 73 11.83 17.47 2.14
C ALA B 73 10.50 17.05 1.53
N GLU B 74 10.48 15.92 0.82
CA GLU B 74 9.24 15.35 0.32
C GLU B 74 8.53 14.51 1.37
N GLY B 75 8.98 14.57 2.62
CA GLY B 75 8.31 13.87 3.70
C GLY B 75 8.34 12.37 3.58
N LEU B 76 9.37 11.81 2.95
CA LEU B 76 9.41 10.37 2.77
C LEU B 76 10.43 9.65 3.65
N LEU B 77 11.41 10.36 4.21
CA LEU B 77 12.36 9.87 5.20
C LEU B 77 12.38 10.78 6.42
N PHE B 78 12.33 10.19 7.62
CA PHE B 78 12.26 10.94 8.87
C PHE B 78 10.96 11.74 8.94
N SER B 79 9.93 11.27 8.25
CA SER B 79 8.62 11.90 8.28
C SER B 79 8.01 11.79 9.67
N GLU B 80 7.19 12.77 10.03
CA GLU B 80 6.54 12.82 11.32
C GLU B 80 5.08 12.39 11.17
N ASP B 81 4.51 11.86 12.25
CA ASP B 81 3.31 11.05 12.15
C ASP B 81 2.05 11.91 12.03
N PRO B 82 1.25 11.77 10.95
CA PRO B 82 -0.05 12.43 10.79
C PRO B 82 -1.12 11.88 11.74
N LYS B 93 -15.49 0.62 20.13
CA LYS B 93 -16.36 -0.31 19.43
C LYS B 93 -15.57 -1.52 18.96
N SER B 94 -15.82 -2.70 19.53
CA SER B 94 -15.09 -3.90 19.12
C SER B 94 -16.06 -5.00 18.75
N VAL B 95 -16.03 -5.41 17.49
CA VAL B 95 -16.88 -6.46 16.92
C VAL B 95 -16.12 -7.77 16.99
N VAL B 96 -16.82 -8.88 16.77
CA VAL B 96 -16.22 -10.22 16.80
C VAL B 96 -16.58 -10.90 15.48
N LYS B 97 -15.56 -11.27 14.72
CA LYS B 97 -15.79 -11.84 13.39
C LYS B 97 -15.50 -13.32 13.30
N ALA B 98 -14.68 -13.87 14.19
CA ALA B 98 -14.32 -15.28 14.13
C ALA B 98 -14.42 -15.94 15.50
N LEU B 99 -14.88 -17.17 15.52
CA LEU B 99 -14.72 -18.07 16.66
C LEU B 99 -13.95 -19.29 16.20
N CYS B 100 -12.93 -19.69 16.97
CA CYS B 100 -12.31 -20.98 16.75
C CYS B 100 -12.87 -21.93 17.80
N LEU B 101 -13.48 -23.01 17.35
CA LEU B 101 -14.20 -23.95 18.20
C LEU B 101 -13.28 -25.09 18.60
N HIS B 102 -13.29 -25.45 19.87
CA HIS B 102 -12.63 -26.68 20.30
C HIS B 102 -13.65 -27.79 20.20
N ILE B 103 -13.69 -28.44 19.04
CA ILE B 103 -14.63 -29.53 18.80
C ILE B 103 -14.31 -30.72 19.70
N SER B 104 -13.03 -30.93 19.98
CA SER B 104 -12.58 -32.01 20.85
C SER B 104 -11.50 -31.46 21.76
N HIS B 105 -11.47 -31.94 23.00
CA HIS B 105 -10.30 -31.76 23.85
C HIS B 105 -9.47 -33.01 23.88
N ASP B 106 -9.92 -34.05 23.19
CA ASP B 106 -9.22 -35.32 23.07
C ASP B 106 -8.50 -35.37 21.73
N CYS B 107 -7.39 -36.10 21.71
CA CYS B 107 -6.63 -36.30 20.48
C CYS B 107 -5.92 -37.65 20.56
N ASN B 108 -5.59 -38.18 19.38
CA ASN B 108 -4.87 -39.44 19.30
C ASN B 108 -3.36 -39.27 19.27
N LEU B 109 -2.86 -38.03 19.29
CA LEU B 109 -1.44 -37.76 19.39
C LEU B 109 -1.14 -37.05 20.71
N ARG B 110 0.13 -37.14 21.14
CA ARG B 110 0.61 -36.45 22.33
C ARG B 110 1.87 -35.65 21.95
N CYS B 111 1.66 -34.57 21.20
CA CYS B 111 2.77 -33.74 20.76
C CYS B 111 3.45 -33.04 21.93
N LYS B 112 4.79 -33.05 21.91
CA LYS B 112 5.55 -32.63 23.07
C LYS B 112 5.49 -31.13 23.31
N TYR B 113 5.29 -30.33 22.26
CA TYR B 113 5.18 -28.89 22.43
C TYR B 113 3.75 -28.42 22.66
N CYS B 114 2.83 -29.33 22.97
CA CYS B 114 1.43 -29.00 22.98
C CYS B 114 0.89 -28.84 24.39
N PHE B 115 0.26 -27.70 24.67
CA PHE B 115 -0.46 -27.44 25.92
C PHE B 115 -1.76 -28.24 25.89
N ALA B 116 -1.68 -29.49 26.32
CA ALA B 116 -2.79 -30.44 26.18
C ALA B 116 -2.86 -31.32 27.41
N SER B 117 -3.88 -31.10 28.24
CA SER B 117 -4.12 -31.95 29.39
C SER B 117 -5.58 -31.80 29.82
N ARG B 125 -9.87 -35.46 26.85
CA ARG B 125 -11.06 -35.29 27.68
C ARG B 125 -12.33 -35.19 26.82
N ASN B 126 -13.10 -34.12 27.01
CA ASN B 126 -14.44 -34.02 26.45
C ASN B 126 -14.44 -33.58 24.99
N MET B 127 -15.55 -33.86 24.31
CA MET B 127 -15.79 -33.44 22.94
C MET B 127 -17.00 -32.51 22.93
N MET B 128 -16.92 -31.45 22.13
CA MET B 128 -18.00 -30.46 22.07
C MET B 128 -19.29 -31.09 21.56
N SER B 129 -20.39 -30.77 22.23
CA SER B 129 -21.71 -31.27 21.86
C SER B 129 -22.33 -30.43 20.75
N LEU B 130 -23.10 -31.09 19.89
CA LEU B 130 -23.71 -30.44 18.73
C LEU B 130 -24.43 -29.16 19.14
N GLU B 131 -25.19 -29.23 20.23
CA GLU B 131 -25.95 -28.07 20.71
C GLU B 131 -25.05 -26.99 21.32
N VAL B 132 -23.90 -27.37 21.89
CA VAL B 132 -22.96 -26.35 22.36
C VAL B 132 -22.41 -25.58 21.16
N GLY B 133 -22.06 -26.28 20.08
CA GLY B 133 -21.56 -25.62 18.90
C GLY B 133 -22.62 -24.85 18.15
N LYS B 134 -23.88 -25.28 18.24
CA LYS B 134 -24.98 -24.53 17.65
C LYS B 134 -25.14 -23.18 18.33
N LYS B 135 -25.11 -23.17 19.66
CA LYS B 135 -25.19 -21.89 20.36
C LYS B 135 -23.97 -21.02 20.06
N ALA B 136 -22.81 -21.64 19.83
CA ALA B 136 -21.63 -20.87 19.44
C ALA B 136 -21.88 -20.09 18.15
N ILE B 137 -22.59 -20.68 17.20
CA ILE B 137 -22.96 -19.99 15.98
C ILE B 137 -23.97 -18.88 16.30
N ASP B 138 -24.95 -19.19 17.15
CA ASP B 138 -25.91 -18.17 17.59
C ASP B 138 -25.20 -17.02 18.28
N PHE B 139 -24.24 -17.32 19.15
CA PHE B 139 -23.51 -16.28 19.87
C PHE B 139 -22.76 -15.35 18.91
N LEU B 140 -22.05 -15.93 17.94
CA LEU B 140 -21.20 -15.12 17.06
C LEU B 140 -22.05 -14.23 16.15
N ILE B 141 -23.16 -14.75 15.62
CA ILE B 141 -24.07 -13.92 14.82
C ILE B 141 -24.49 -12.69 15.61
N SER B 142 -24.82 -12.87 16.89
CA SER B 142 -25.26 -11.76 17.74
C SER B 142 -24.15 -10.73 17.94
N GLU B 143 -22.95 -11.18 18.29
CA GLU B 143 -21.84 -10.27 18.53
C GLU B 143 -21.18 -9.75 17.25
N SER B 144 -21.56 -10.28 16.08
CA SER B 144 -21.01 -9.81 14.82
C SER B 144 -21.70 -8.55 14.30
N GLY B 145 -22.93 -8.30 14.74
CA GLY B 145 -23.59 -7.04 14.42
C GLY B 145 -23.96 -6.98 12.95
N ASN B 146 -23.48 -5.92 12.29
CA ASN B 146 -23.74 -5.69 10.87
C ASN B 146 -22.81 -6.45 9.94
N ARG B 147 -21.74 -7.05 10.47
CA ARG B 147 -20.69 -7.57 9.62
C ARG B 147 -21.09 -8.92 9.02
N LYS B 148 -20.80 -9.09 7.73
CA LYS B 148 -21.34 -10.21 6.96
C LYS B 148 -20.43 -11.45 6.93
N ASN B 149 -19.15 -11.32 6.54
CA ASN B 149 -18.27 -12.48 6.47
C ASN B 149 -17.81 -12.85 7.88
N LEU B 150 -18.10 -14.08 8.31
CA LEU B 150 -17.70 -14.58 9.63
C LEU B 150 -16.98 -15.91 9.47
N GLU B 151 -16.08 -16.21 10.41
CA GLU B 151 -15.25 -17.41 10.31
C GLU B 151 -15.40 -18.33 11.50
N ILE B 152 -15.38 -19.63 11.20
CA ILE B 152 -15.23 -20.67 12.20
C ILE B 152 -14.00 -21.49 11.88
N ASP B 153 -13.14 -21.69 12.89
CA ASP B 153 -12.01 -22.61 12.79
C ASP B 153 -12.28 -23.79 13.71
N PHE B 154 -12.66 -24.92 13.12
CA PHE B 154 -12.72 -26.18 13.85
C PHE B 154 -11.33 -26.57 14.34
N PHE B 155 -11.18 -26.65 15.68
CA PHE B 155 -9.88 -26.72 16.32
C PHE B 155 -9.91 -27.68 17.51
N GLY B 156 -9.15 -27.35 18.54
CA GLY B 156 -9.15 -28.09 19.79
C GLY B 156 -8.00 -29.05 19.93
N GLY B 157 -8.33 -30.34 20.00
CA GLY B 157 -7.33 -31.35 19.97
C GLY B 157 -7.27 -31.81 18.54
N GLU B 158 -8.18 -32.69 18.16
CA GLU B 158 -8.33 -33.13 16.78
C GLU B 158 -9.80 -33.08 16.43
N PRO B 159 -10.23 -32.09 15.65
CA PRO B 159 -11.68 -31.97 15.37
C PRO B 159 -12.24 -33.13 14.57
N MET B 160 -11.39 -33.94 13.91
CA MET B 160 -11.87 -35.07 13.12
C MET B 160 -12.49 -36.15 14.00
N MET B 161 -12.04 -36.26 15.26
CA MET B 161 -12.65 -37.19 16.19
C MET B 161 -14.15 -36.94 16.33
N ASN B 162 -14.56 -35.67 16.32
CA ASN B 162 -15.95 -35.31 16.53
C ASN B 162 -16.49 -34.65 15.27
N PHE B 163 -16.46 -35.37 14.15
CA PHE B 163 -16.69 -34.74 12.86
C PHE B 163 -18.17 -34.50 12.59
N ASP B 164 -19.06 -35.27 13.20
CA ASP B 164 -20.49 -35.12 12.95
C ASP B 164 -21.05 -33.87 13.59
N VAL B 165 -20.40 -33.34 14.63
CA VAL B 165 -20.83 -32.04 15.10
C VAL B 165 -20.24 -30.95 14.22
N VAL B 166 -19.08 -31.19 13.60
CA VAL B 166 -18.50 -30.23 12.68
C VAL B 166 -19.45 -29.97 11.51
N LYS B 167 -19.92 -31.04 10.86
CA LYS B 167 -20.87 -30.88 9.76
C LYS B 167 -22.24 -30.47 10.26
N GLY B 168 -22.60 -30.86 11.48
CA GLY B 168 -23.79 -30.31 12.10
C GLY B 168 -23.70 -28.80 12.22
N ILE B 169 -22.60 -28.30 12.80
CA ILE B 169 -22.41 -26.86 12.94
C ILE B 169 -22.40 -26.18 11.58
N ILE B 170 -21.79 -26.84 10.59
CA ILE B 170 -21.75 -26.28 9.23
C ILE B 170 -23.17 -26.19 8.65
N GLU B 171 -23.90 -27.31 8.66
CA GLU B 171 -25.27 -27.32 8.13
C GLU B 171 -26.20 -26.39 8.91
N TYR B 172 -25.87 -26.09 10.16
CA TYR B 172 -26.71 -25.19 10.95
C TYR B 172 -26.47 -23.72 10.63
N ALA B 173 -25.23 -23.34 10.32
CA ALA B 173 -24.92 -21.95 10.03
C ALA B 173 -25.43 -21.50 8.66
N ARG B 174 -25.62 -22.44 7.73
CA ARG B 174 -26.06 -22.09 6.38
C ARG B 174 -27.47 -21.53 6.40
N GLN B 175 -28.40 -22.22 7.06
CA GLN B 175 -29.77 -21.74 7.13
C GLN B 175 -29.86 -20.41 7.86
N LYS B 176 -28.98 -20.20 8.84
CA LYS B 176 -28.96 -18.92 9.54
C LYS B 176 -28.49 -17.78 8.64
N GLU B 177 -27.67 -18.10 7.63
CA GLU B 177 -27.07 -17.05 6.79
C GLU B 177 -28.12 -16.24 6.06
N LYS B 178 -29.15 -16.89 5.51
CA LYS B 178 -30.16 -16.16 4.75
C LYS B 178 -31.00 -15.26 5.66
N GLU B 179 -31.32 -15.74 6.87
CA GLU B 179 -32.19 -15.00 7.78
C GLU B 179 -31.49 -13.83 8.48
N HIS B 180 -30.15 -13.83 8.52
CA HIS B 180 -29.39 -12.78 9.18
C HIS B 180 -28.41 -12.10 8.24
N ASN B 181 -28.67 -12.12 6.92
CA ASN B 181 -27.70 -12.02 5.85
C ASN B 181 -26.25 -12.01 6.37
N LYS B 182 -25.66 -13.20 6.44
CA LYS B 182 -24.27 -13.43 6.80
C LYS B 182 -23.60 -14.24 5.70
N ASN B 183 -22.28 -14.42 5.82
CA ASN B 183 -21.57 -15.37 4.97
C ASN B 183 -20.54 -16.11 5.81
N PHE B 184 -20.74 -17.41 5.98
CA PHE B 184 -19.82 -18.20 6.77
C PHE B 184 -18.74 -18.80 5.88
N ARG B 185 -17.49 -18.69 6.31
CA ARG B 185 -16.37 -19.44 5.76
C ARG B 185 -15.76 -20.28 6.87
N PHE B 186 -15.52 -21.56 6.56
CA PHE B 186 -15.07 -22.55 7.52
C PHE B 186 -13.67 -23.02 7.18
N THR B 187 -12.81 -23.06 8.18
CA THR B 187 -11.48 -23.63 8.08
C THR B 187 -11.35 -24.80 9.05
N LEU B 188 -10.52 -25.78 8.68
CA LEU B 188 -10.30 -26.98 9.49
C LEU B 188 -8.82 -27.18 9.69
N THR B 189 -8.42 -27.52 10.92
CA THR B 189 -7.02 -27.80 11.25
C THR B 189 -6.94 -29.21 11.81
N THR B 190 -6.22 -30.10 11.14
CA THR B 190 -6.25 -31.52 11.44
C THR B 190 -4.85 -32.10 11.45
N ASN B 191 -4.63 -33.09 12.33
CA ASN B 191 -3.37 -33.84 12.31
C ASN B 191 -3.30 -34.76 11.11
N GLY B 192 -4.43 -35.10 10.49
CA GLY B 192 -4.49 -35.78 9.23
C GLY B 192 -4.73 -37.27 9.33
N LEU B 193 -4.38 -37.89 10.46
CA LEU B 193 -4.47 -39.34 10.58
C LEU B 193 -5.88 -39.86 10.30
N LEU B 194 -6.91 -39.04 10.46
CA LEU B 194 -8.29 -39.45 10.24
C LEU B 194 -8.88 -38.91 8.93
N LEU B 195 -8.04 -38.43 8.02
CA LEU B 195 -8.48 -38.13 6.67
C LEU B 195 -8.64 -39.44 5.89
N ASN B 196 -9.71 -39.52 5.11
CA ASN B 196 -9.94 -40.68 4.26
C ASN B 196 -10.55 -40.20 2.95
N ASP B 197 -10.89 -41.16 2.07
CA ASP B 197 -11.47 -40.83 0.78
C ASP B 197 -12.77 -40.04 0.92
N GLU B 198 -13.63 -40.44 1.87
CA GLU B 198 -15.00 -39.93 1.88
C GLU B 198 -15.12 -38.57 2.54
N ASN B 199 -14.41 -38.33 3.65
CA ASN B 199 -14.54 -37.03 4.30
C ASN B 199 -13.83 -35.95 3.49
N ILE B 200 -12.65 -36.25 2.94
CA ILE B 200 -11.93 -35.28 2.12
C ILE B 200 -12.81 -34.74 1.01
N LYS B 201 -13.67 -35.58 0.45
CA LYS B 201 -14.64 -35.07 -0.53
C LYS B 201 -15.56 -34.05 0.11
N TYR B 202 -15.92 -34.26 1.37
CA TYR B 202 -16.75 -33.28 2.07
C TYR B 202 -15.94 -32.06 2.50
N ILE B 203 -14.69 -32.27 2.94
CA ILE B 203 -13.81 -31.14 3.28
C ILE B 203 -13.72 -30.18 2.11
N ASN B 204 -13.51 -30.71 0.90
CA ASN B 204 -13.35 -29.87 -0.27
C ASN B 204 -14.66 -29.31 -0.78
N GLU B 205 -15.79 -29.89 -0.36
CA GLU B 205 -17.10 -29.38 -0.75
C GLU B 205 -17.67 -28.36 0.22
N ASN B 206 -17.06 -28.18 1.40
CA ASN B 206 -17.60 -27.25 2.40
C ASN B 206 -16.54 -26.41 3.10
N MET B 207 -15.36 -26.96 3.35
CA MET B 207 -14.30 -26.19 3.98
C MET B 207 -13.69 -25.23 2.98
N GLN B 208 -13.56 -23.97 3.36
CA GLN B 208 -12.87 -23.04 2.48
C GLN B 208 -11.37 -23.11 2.66
N ASN B 209 -10.89 -23.29 3.89
CA ASN B 209 -9.48 -23.56 4.12
C ASN B 209 -9.31 -24.82 4.95
N ILE B 210 -8.19 -25.51 4.73
CA ILE B 210 -7.80 -26.64 5.57
C ILE B 210 -6.32 -26.51 5.91
N VAL B 211 -5.98 -26.71 7.18
CA VAL B 211 -4.62 -26.62 7.69
C VAL B 211 -4.19 -28.01 8.14
N LEU B 212 -3.11 -28.50 7.56
CA LEU B 212 -2.61 -29.85 7.78
C LEU B 212 -1.29 -29.79 8.52
N SER B 213 -1.26 -30.33 9.72
CA SER B 213 -0.09 -30.15 10.57
C SER B 213 0.94 -31.20 10.24
N ILE B 214 2.09 -30.73 9.76
CA ILE B 214 3.26 -31.54 9.43
C ILE B 214 4.48 -30.67 9.69
N ASP B 215 5.42 -31.17 10.49
CA ASP B 215 6.51 -30.31 10.94
C ASP B 215 7.68 -30.24 9.96
N GLY B 216 7.62 -30.94 8.84
CA GLY B 216 8.67 -30.86 7.85
C GLY B 216 9.29 -32.20 7.53
N ARG B 217 10.56 -32.38 7.86
CA ARG B 217 11.21 -33.65 7.62
C ARG B 217 10.71 -34.70 8.61
N LYS B 218 10.76 -35.97 8.19
CA LYS B 218 10.29 -37.06 9.03
C LYS B 218 11.01 -37.06 10.38
N GLU B 219 12.35 -37.05 10.36
CA GLU B 219 13.11 -37.05 11.61
C GLU B 219 12.67 -35.92 12.53
N VAL B 220 12.24 -34.79 11.97
CA VAL B 220 11.67 -33.72 12.79
C VAL B 220 10.23 -34.06 13.17
N ASN B 221 9.42 -34.43 12.18
CA ASN B 221 7.99 -34.62 12.43
C ASN B 221 7.72 -35.79 13.37
N ASP B 222 8.30 -36.97 13.08
CA ASP B 222 8.06 -38.23 13.79
C ASP B 222 8.68 -38.27 15.12
N ARG B 223 9.24 -37.14 15.54
CA ARG B 223 9.92 -37.05 16.81
C ARG B 223 9.11 -36.34 17.89
N MET B 224 8.42 -35.26 17.57
CA MET B 224 7.52 -34.58 18.50
C MET B 224 6.05 -34.91 18.24
N ARG B 225 5.66 -35.07 16.98
CA ARG B 225 4.30 -35.50 16.63
C ARG B 225 4.28 -37.03 16.73
N ILE B 226 4.07 -37.49 17.96
CA ILE B 226 4.15 -38.90 18.31
C ILE B 226 2.87 -39.29 19.02
N ARG B 227 2.67 -40.60 19.17
CA ARG B 227 1.51 -41.08 19.88
C ARG B 227 1.84 -41.34 21.35
N ILE B 228 0.79 -41.70 22.07
CA ILE B 228 0.94 -42.17 23.45
C ILE B 228 2.03 -43.23 23.53
N ASP B 229 2.11 -44.12 22.55
CA ASP B 229 3.11 -45.19 22.57
C ASP B 229 4.45 -44.78 21.96
N GLY B 230 4.53 -43.57 21.41
CA GLY B 230 5.78 -43.03 20.94
C GLY B 230 6.06 -43.19 19.45
N SER B 231 5.06 -43.54 18.66
CA SER B 231 5.26 -43.76 17.23
C SER B 231 4.97 -42.50 16.44
N GLY B 232 5.82 -42.23 15.44
CA GLY B 232 5.64 -41.08 14.58
C GLY B 232 4.44 -41.23 13.65
N CYS B 233 4.11 -40.12 12.98
CA CYS B 233 2.91 -40.05 12.15
C CYS B 233 3.19 -39.67 10.70
N TYR B 234 4.44 -39.38 10.33
CA TYR B 234 4.75 -38.87 8.99
C TYR B 234 4.27 -39.82 7.91
N ASP B 235 4.68 -41.09 7.99
CA ASP B 235 4.37 -42.07 6.96
C ASP B 235 2.89 -42.13 6.63
N ASP B 236 2.03 -41.80 7.59
CA ASP B 236 0.61 -41.94 7.36
C ASP B 236 -0.03 -40.67 6.82
N ILE B 237 0.52 -39.50 7.18
CA ILE B 237 -0.17 -38.24 6.91
C ILE B 237 0.36 -37.58 5.65
N LEU B 238 1.63 -37.82 5.31
CA LEU B 238 2.17 -37.20 4.10
C LEU B 238 1.49 -37.67 2.84
N PRO B 239 1.29 -38.99 2.59
CA PRO B 239 0.48 -39.38 1.42
C PRO B 239 -0.89 -38.75 1.39
N LYS B 240 -1.55 -38.59 2.54
CA LYS B 240 -2.87 -37.98 2.55
C LYS B 240 -2.80 -36.47 2.36
N PHE B 241 -1.80 -35.81 2.97
CA PHE B 241 -1.65 -34.36 2.80
C PHE B 241 -1.35 -34.01 1.35
N LYS B 242 -0.32 -34.65 0.78
CA LYS B 242 -0.01 -34.43 -0.63
C LYS B 242 -1.23 -34.68 -1.50
N TYR B 243 -2.14 -35.54 -1.07
CA TYR B 243 -3.32 -35.81 -1.87
C TYR B 243 -4.31 -34.65 -1.81
N VAL B 244 -4.61 -34.14 -0.60
CA VAL B 244 -5.62 -33.09 -0.52
C VAL B 244 -5.11 -31.80 -1.13
N ALA B 245 -3.79 -31.56 -1.07
CA ALA B 245 -3.23 -30.38 -1.72
C ALA B 245 -3.54 -30.37 -3.22
N GLU B 246 -3.45 -31.53 -3.87
CA GLU B 246 -3.83 -31.62 -5.29
C GLU B 246 -5.34 -31.67 -5.46
N SER B 247 -6.03 -32.33 -4.52
CA SER B 247 -7.49 -32.35 -4.54
C SER B 247 -8.06 -30.95 -4.62
N ARG B 248 -7.51 -30.02 -3.85
CA ARG B 248 -7.91 -28.62 -3.86
C ARG B 248 -7.01 -27.77 -4.75
N ASN B 249 -6.30 -28.39 -5.69
CA ASN B 249 -5.57 -27.70 -6.76
C ASN B 249 -4.49 -26.77 -6.20
N GLN B 250 -3.78 -27.24 -5.17
CA GLN B 250 -2.64 -26.55 -4.58
C GLN B 250 -2.99 -25.14 -4.11
N ASP B 251 -4.22 -24.95 -3.64
CA ASP B 251 -4.66 -23.65 -3.13
C ASP B 251 -5.66 -23.89 -2.01
N ASN B 252 -5.96 -22.83 -1.26
CA ASN B 252 -6.97 -22.87 -0.18
C ASN B 252 -6.60 -23.88 0.89
N TYR B 253 -5.30 -24.00 1.14
CA TYR B 253 -4.78 -24.94 2.11
C TYR B 253 -3.40 -24.44 2.49
N TYR B 254 -2.86 -25.01 3.57
CA TYR B 254 -1.41 -24.99 3.74
C TYR B 254 -0.99 -26.02 4.77
N VAL B 255 0.22 -26.55 4.57
CA VAL B 255 0.84 -27.38 5.59
C VAL B 255 1.44 -26.47 6.66
N ARG B 256 1.14 -26.75 7.92
CA ARG B 256 1.52 -25.91 9.04
C ARG B 256 2.57 -26.63 9.86
N GLY B 257 3.69 -25.95 10.12
CA GLY B 257 4.81 -26.53 10.83
C GLY B 257 5.20 -25.68 12.02
N THR B 258 5.66 -26.35 13.07
CA THR B 258 6.05 -25.71 14.32
C THR B 258 7.51 -26.07 14.56
N PHE B 259 8.39 -25.08 14.51
CA PHE B 259 9.82 -25.34 14.70
C PHE B 259 10.24 -24.90 16.10
N THR B 260 10.89 -25.81 16.82
CA THR B 260 11.35 -25.55 18.18
C THR B 260 12.88 -25.49 18.20
N ARG B 261 13.44 -25.35 19.40
CA ARG B 261 14.88 -25.29 19.58
C ARG B 261 15.56 -26.54 19.02
N GLU B 262 14.84 -27.64 18.84
CA GLU B 262 15.43 -28.87 18.33
C GLU B 262 15.30 -29.00 16.82
N ASN B 263 15.04 -27.89 16.11
CA ASN B 263 15.16 -27.89 14.66
C ASN B 263 15.39 -26.48 14.13
N MET B 264 16.41 -25.80 14.67
CA MET B 264 16.69 -24.42 14.29
C MET B 264 17.15 -24.28 12.85
N ASP B 265 17.55 -25.37 12.20
CA ASP B 265 17.79 -25.35 10.76
C ASP B 265 16.48 -25.52 10.00
N PHE B 266 15.51 -24.61 10.19
CA PHE B 266 14.12 -24.94 9.86
C PHE B 266 13.76 -24.75 8.40
N SER B 267 14.63 -24.15 7.58
CA SER B 267 14.30 -24.05 6.17
C SER B 267 14.41 -25.41 5.51
N ASN B 268 15.31 -26.27 6.01
CA ASN B 268 15.36 -27.66 5.56
C ASN B 268 13.99 -28.30 5.65
N ASP B 269 13.20 -27.90 6.65
CA ASP B 269 11.83 -28.41 6.80
C ASP B 269 10.87 -27.75 5.81
N VAL B 270 10.94 -26.42 5.65
CA VAL B 270 10.14 -25.74 4.63
C VAL B 270 10.46 -26.28 3.24
N LEU B 271 11.75 -26.40 2.93
CA LEU B 271 12.17 -26.87 1.60
C LEU B 271 11.89 -28.35 1.39
N HIS B 272 11.89 -29.15 2.45
CA HIS B 272 11.47 -30.54 2.31
C HIS B 272 10.01 -30.62 1.89
N LEU B 273 9.15 -29.83 2.53
CA LEU B 273 7.74 -29.77 2.13
C LEU B 273 7.60 -29.18 0.73
N ALA B 274 8.36 -28.12 0.44
CA ALA B 274 8.38 -27.59 -0.92
C ALA B 274 8.79 -28.68 -1.91
N ASP B 275 9.88 -29.40 -1.60
CA ASP B 275 10.35 -30.50 -2.46
C ASP B 275 9.31 -31.61 -2.54
N GLU B 276 8.63 -31.93 -1.43
CA GLU B 276 7.56 -32.91 -1.49
C GLU B 276 6.37 -32.45 -2.33
N GLY B 277 6.31 -31.18 -2.73
CA GLY B 277 5.34 -30.76 -3.72
C GLY B 277 4.36 -29.68 -3.30
N PHE B 278 4.48 -29.19 -2.05
CA PHE B 278 3.54 -28.22 -1.51
C PHE B 278 3.91 -26.81 -1.93
N ARG B 279 2.88 -26.02 -2.31
CA ARG B 279 3.07 -24.63 -2.72
C ARG B 279 2.72 -23.65 -1.60
N GLN B 280 1.87 -24.07 -0.66
CA GLN B 280 1.44 -23.26 0.46
C GLN B 280 2.01 -23.86 1.73
N ILE B 281 3.04 -23.22 2.28
CA ILE B 281 3.71 -23.71 3.47
C ILE B 281 3.70 -22.62 4.52
N SER B 282 3.59 -23.02 5.78
CA SER B 282 3.77 -22.11 6.91
C SER B 282 4.46 -22.88 8.01
N VAL B 283 5.60 -22.38 8.46
CA VAL B 283 6.36 -22.99 9.54
C VAL B 283 6.70 -21.88 10.51
N GLU B 284 6.12 -21.93 11.71
CA GLU B 284 6.11 -20.86 12.67
C GLU B 284 6.78 -21.31 13.98
N PRO B 285 7.34 -20.39 14.75
CA PRO B 285 7.99 -20.78 16.02
C PRO B 285 6.95 -21.15 17.07
N VAL B 286 7.41 -21.89 18.08
CA VAL B 286 6.53 -22.38 19.13
C VAL B 286 6.04 -21.21 19.99
N VAL B 287 4.82 -21.36 20.52
CA VAL B 287 4.13 -20.32 21.30
C VAL B 287 4.00 -20.77 22.75
N ALA B 288 4.29 -19.86 23.67
CA ALA B 288 4.12 -20.06 25.12
C ALA B 288 4.91 -21.29 25.61
N ALA B 289 6.20 -21.32 25.30
CA ALA B 289 7.06 -22.47 25.56
C ALA B 289 8.19 -22.15 26.52
N LYS B 290 7.90 -21.46 27.63
CA LYS B 290 8.93 -21.04 28.57
C LYS B 290 9.24 -22.15 29.57
N ASP B 291 10.53 -22.33 29.85
CA ASP B 291 11.04 -23.41 30.70
C ASP B 291 10.66 -24.79 30.15
N SER B 292 10.42 -24.85 28.83
CA SER B 292 10.02 -26.09 28.18
C SER B 292 11.21 -26.91 27.74
N GLY B 293 12.36 -26.28 27.55
CA GLY B 293 13.41 -26.88 26.77
C GLY B 293 13.14 -26.89 25.29
N TYR B 294 12.10 -26.17 24.84
CA TYR B 294 11.78 -26.02 23.43
C TYR B 294 11.92 -24.59 22.91
N ASP B 295 11.77 -23.59 23.77
CA ASP B 295 11.61 -22.22 23.30
C ASP B 295 12.90 -21.71 22.65
N LEU B 296 12.73 -20.68 21.83
CA LEU B 296 13.86 -19.98 21.23
C LEU B 296 14.38 -18.96 22.23
N ARG B 297 15.69 -18.98 22.47
CA ARG B 297 16.33 -17.99 23.32
C ARG B 297 17.03 -16.96 22.46
N GLU B 298 17.36 -15.83 23.08
CA GLU B 298 18.01 -14.75 22.33
C GLU B 298 19.38 -15.17 21.82
N GLU B 299 20.08 -16.04 22.55
CA GLU B 299 21.34 -16.59 22.03
C GLU B 299 21.13 -17.35 20.73
N ASP B 300 19.89 -17.70 20.42
CA ASP B 300 19.54 -18.44 19.22
C ASP B 300 19.12 -17.56 18.05
N LEU B 301 18.82 -16.29 18.31
CA LEU B 301 18.39 -15.40 17.24
C LEU B 301 19.36 -15.36 16.07
N PRO B 302 20.68 -15.25 16.25
CA PRO B 302 21.59 -15.27 15.08
C PRO B 302 21.37 -16.46 14.15
N ARG B 303 21.32 -17.68 14.69
CA ARG B 303 21.17 -18.88 13.85
C ARG B 303 19.81 -18.89 13.14
N LEU B 304 18.78 -18.31 13.76
CA LEU B 304 17.48 -18.24 13.13
C LEU B 304 17.41 -17.12 12.09
N PHE B 305 18.06 -15.99 12.36
CA PHE B 305 18.16 -14.93 11.36
C PHE B 305 18.76 -15.47 10.07
N GLU B 306 19.85 -16.23 10.19
CA GLU B 306 20.51 -16.73 8.99
C GLU B 306 19.55 -17.55 8.14
N GLU B 307 18.70 -18.36 8.79
CA GLU B 307 17.87 -19.34 8.08
C GLU B 307 16.60 -18.68 7.51
N TYR B 308 16.05 -17.68 8.22
CA TYR B 308 15.02 -16.84 7.62
C TYR B 308 15.54 -16.11 6.39
N GLU B 309 16.75 -15.56 6.47
CA GLU B 309 17.37 -14.94 5.29
C GLU B 309 17.70 -15.99 4.22
N LYS B 310 18.22 -17.15 4.63
CA LYS B 310 18.56 -18.18 3.67
C LYS B 310 17.32 -18.71 2.98
N LEU B 311 16.17 -18.59 3.64
CA LEU B 311 14.90 -19.02 3.06
C LEU B 311 14.39 -18.00 2.04
N ALA B 312 14.78 -16.72 2.19
CA ALA B 312 14.28 -15.70 1.28
C ALA B 312 14.98 -15.75 -0.08
N TYR B 313 16.30 -16.02 -0.10
CA TYR B 313 17.00 -16.24 -1.36
C TYR B 313 16.37 -17.39 -2.14
N GLU B 314 16.06 -18.49 -1.45
CA GLU B 314 15.52 -19.67 -2.11
C GLU B 314 14.12 -19.41 -2.67
N TYR B 315 13.27 -18.72 -1.90
CA TYR B 315 11.92 -18.44 -2.38
C TYR B 315 11.95 -17.55 -3.61
N VAL B 316 12.90 -16.61 -3.66
CA VAL B 316 13.02 -15.73 -4.82
C VAL B 316 13.42 -16.51 -6.05
N LYS B 317 14.47 -17.33 -5.94
CA LYS B 317 14.94 -18.03 -7.13
C LYS B 317 13.95 -19.10 -7.60
N ARG B 318 13.09 -19.61 -6.71
CA ARG B 318 12.11 -20.59 -7.16
C ARG B 318 10.94 -19.93 -7.87
N ARG B 319 10.57 -18.71 -7.47
CA ARG B 319 9.47 -18.03 -8.13
C ARG B 319 9.83 -17.73 -9.59
N LYS B 320 11.09 -17.36 -9.83
CA LYS B 320 11.51 -16.92 -11.15
C LYS B 320 11.70 -18.07 -12.13
N GLU B 321 12.06 -19.25 -11.62
CA GLU B 321 12.32 -20.38 -12.51
C GLU B 321 11.10 -21.28 -12.70
N GLY B 322 10.05 -21.11 -11.89
CA GLY B 322 8.81 -21.80 -12.19
C GLY B 322 8.12 -22.44 -11.02
N ASN B 323 8.85 -23.23 -10.24
CA ASN B 323 8.21 -24.09 -9.24
C ASN B 323 8.20 -23.44 -7.85
N TRP B 324 7.64 -22.23 -7.82
CA TRP B 324 7.39 -21.42 -6.64
C TRP B 324 6.74 -22.19 -5.50
N PHE B 325 7.10 -21.85 -4.27
CA PHE B 325 6.28 -22.19 -3.12
C PHE B 325 5.97 -20.90 -2.38
N ASN B 326 4.88 -20.91 -1.63
CA ASN B 326 4.49 -19.77 -0.81
C ASN B 326 4.94 -19.98 0.62
N PHE B 327 5.49 -18.93 1.22
CA PHE B 327 5.82 -18.91 2.65
C PHE B 327 4.99 -17.82 3.28
N PHE B 328 3.98 -18.22 4.07
CA PHE B 328 2.94 -17.29 4.50
C PHE B 328 3.42 -16.28 5.53
N HIS B 329 4.50 -16.57 6.25
CA HIS B 329 5.09 -15.55 7.10
C HIS B 329 5.80 -14.45 6.31
N PHE B 330 6.07 -14.65 5.01
CA PHE B 330 6.67 -13.61 4.20
C PHE B 330 5.66 -12.72 3.50
N MET B 331 4.37 -13.08 3.54
CA MET B 331 3.35 -12.31 2.84
C MET B 331 2.86 -11.21 3.77
N ILE B 332 3.34 -9.99 3.55
CA ILE B 332 3.04 -8.89 4.49
C ILE B 332 1.85 -8.06 4.02
N ASP B 333 1.86 -7.56 2.80
CA ASP B 333 0.77 -6.72 2.33
C ASP B 333 0.07 -7.38 1.14
N LEU B 344 -3.75 -2.28 10.86
CA LEU B 344 -3.87 -2.65 12.27
C LEU B 344 -4.61 -3.98 12.42
N THR B 345 -4.70 -4.74 11.32
CA THR B 345 -5.36 -6.04 11.33
C THR B 345 -4.58 -7.02 12.18
N GLY B 346 -4.58 -6.80 13.50
CA GLY B 346 -3.85 -7.63 14.42
C GLY B 346 -4.50 -8.99 14.58
N CYS B 347 -3.94 -9.79 15.49
CA CYS B 347 -4.42 -11.16 15.64
C CYS B 347 -5.85 -11.20 16.18
N GLY B 348 -6.24 -10.21 16.99
CA GLY B 348 -7.61 -10.06 17.41
C GLY B 348 -8.06 -10.91 18.58
N SER B 349 -7.16 -11.69 19.18
CA SER B 349 -7.55 -12.50 20.33
C SER B 349 -7.91 -11.57 21.49
N GLY B 350 -9.09 -11.80 22.07
CA GLY B 350 -9.60 -10.93 23.11
C GLY B 350 -10.78 -10.09 22.70
N HIS B 351 -10.69 -9.39 21.56
CA HIS B 351 -11.73 -8.44 21.18
C HIS B 351 -12.51 -8.83 19.94
N GLU B 352 -11.86 -9.38 18.91
CA GLU B 352 -12.55 -9.76 17.68
C GLU B 352 -12.43 -11.24 17.36
N TYR B 353 -11.55 -11.97 18.04
CA TYR B 353 -11.32 -13.40 17.84
C TYR B 353 -11.30 -14.08 19.20
N LEU B 354 -12.18 -15.05 19.40
CA LEU B 354 -12.29 -15.75 20.68
C LEU B 354 -12.50 -17.25 20.44
N ALA B 355 -11.99 -18.07 21.36
CA ALA B 355 -12.09 -19.54 21.26
C ALA B 355 -13.18 -20.07 22.17
N VAL B 356 -14.10 -20.85 21.60
CA VAL B 356 -15.21 -21.43 22.35
C VAL B 356 -14.87 -22.88 22.71
N THR B 357 -14.86 -23.15 24.01
CA THR B 357 -14.46 -24.40 24.62
C THR B 357 -15.50 -25.49 24.35
N PRO B 358 -15.15 -26.78 24.48
CA PRO B 358 -16.18 -27.83 24.41
C PRO B 358 -17.26 -27.67 25.46
N GLU B 359 -16.90 -27.34 26.69
CA GLU B 359 -17.97 -27.03 27.63
C GLU B 359 -18.57 -25.65 27.37
N GLY B 360 -18.11 -24.93 26.33
CA GLY B 360 -18.75 -23.73 25.86
C GLY B 360 -18.28 -22.45 26.50
N ASP B 361 -17.21 -22.49 27.28
CA ASP B 361 -16.63 -21.28 27.83
C ASP B 361 -15.94 -20.48 26.73
N ILE B 362 -16.12 -19.17 26.76
CA ILE B 362 -15.45 -18.27 25.83
C ILE B 362 -14.08 -17.92 26.40
N TYR B 363 -13.07 -17.93 25.55
CA TYR B 363 -11.68 -17.63 25.91
C TYR B 363 -11.04 -16.75 24.87
N PRO B 364 -10.00 -15.99 25.22
CA PRO B 364 -9.38 -15.08 24.24
C PRO B 364 -8.83 -15.78 23.01
N CYS B 365 -8.24 -16.97 23.16
CA CYS B 365 -7.79 -17.79 22.04
C CYS B 365 -7.54 -19.18 22.59
N HIS B 366 -7.14 -20.10 21.70
CA HIS B 366 -6.89 -21.48 22.11
C HIS B 366 -5.79 -21.55 23.18
N GLN B 367 -4.74 -20.75 23.04
CA GLN B 367 -3.64 -20.81 23.99
C GLN B 367 -3.99 -20.26 25.37
N PHE B 368 -5.20 -19.74 25.54
CA PHE B 368 -5.64 -19.22 26.83
C PHE B 368 -6.65 -20.12 27.54
N VAL B 369 -6.96 -21.30 26.98
CA VAL B 369 -8.02 -22.14 27.54
C VAL B 369 -7.69 -22.55 28.98
N GLY B 370 -6.43 -22.91 29.24
CA GLY B 370 -6.07 -23.35 30.58
C GLY B 370 -6.35 -22.31 31.65
N ASN B 371 -6.05 -21.05 31.37
CA ASN B 371 -6.04 -20.00 32.39
C ASN B 371 -7.47 -19.67 32.82
N GLU B 372 -7.83 -20.11 34.03
CA GLU B 372 -9.13 -19.80 34.62
C GLU B 372 -9.36 -18.30 34.75
N LYS B 373 -8.28 -17.51 34.82
CA LYS B 373 -8.42 -16.06 35.02
C LYS B 373 -9.15 -15.42 33.85
N PHE B 374 -8.99 -15.97 32.65
CA PHE B 374 -9.57 -15.41 31.44
C PHE B 374 -10.82 -16.15 30.99
N LYS B 375 -11.55 -16.76 31.93
CA LYS B 375 -12.87 -17.31 31.64
C LYS B 375 -13.87 -16.17 31.46
N MET B 376 -14.35 -15.98 30.23
CA MET B 376 -15.17 -14.83 29.87
C MET B 376 -16.64 -15.19 29.68
N GLY B 377 -17.08 -16.31 30.21
CA GLY B 377 -18.47 -16.70 30.14
C GLY B 377 -18.68 -17.89 29.22
N ASN B 378 -19.90 -18.39 29.25
CA ASN B 378 -20.28 -19.54 28.46
C ASN B 378 -21.19 -19.13 27.32
N VAL B 379 -21.03 -19.81 26.19
CA VAL B 379 -21.80 -19.51 25.00
C VAL B 379 -23.28 -19.76 25.24
N LYS B 380 -23.62 -20.83 25.96
CA LYS B 380 -25.04 -21.08 26.25
C LYS B 380 -25.70 -19.87 26.89
N GLU B 381 -24.95 -19.07 27.66
CA GLU B 381 -25.56 -17.92 28.33
C GLU B 381 -25.60 -16.70 27.44
N GLY B 382 -24.58 -16.52 26.60
CA GLY B 382 -24.55 -15.45 25.63
C GLY B 382 -23.89 -14.17 26.09
N VAL B 383 -23.71 -13.99 27.40
CA VAL B 383 -23.07 -12.80 27.95
C VAL B 383 -21.55 -12.96 27.87
N LEU B 384 -20.87 -11.90 27.45
CA LEU B 384 -19.40 -11.87 27.36
C LEU B 384 -18.87 -10.86 28.36
N ASN B 385 -17.97 -11.31 29.24
CA ASN B 385 -17.27 -10.44 30.18
C ASN B 385 -16.59 -9.31 29.43
N ARG B 386 -17.28 -8.18 29.25
CA ARG B 386 -16.65 -7.09 28.52
C ARG B 386 -15.51 -6.45 29.30
N ASP B 387 -15.43 -6.72 30.61
CA ASP B 387 -14.37 -6.10 31.42
C ASP B 387 -12.99 -6.49 30.89
N ILE B 388 -12.79 -7.78 30.58
CA ILE B 388 -11.52 -8.28 30.06
C ILE B 388 -11.50 -8.28 28.54
N GLN B 389 -12.64 -8.12 27.88
CA GLN B 389 -12.63 -7.86 26.44
C GLN B 389 -11.90 -6.56 26.12
N ASN B 390 -12.24 -5.48 26.85
CA ASN B 390 -11.52 -4.23 26.70
C ASN B 390 -10.08 -4.36 27.19
N TYR B 391 -9.84 -5.21 28.19
CA TYR B 391 -8.47 -5.47 28.62
C TYR B 391 -7.60 -5.97 27.47
N PHE B 392 -8.15 -6.83 26.59
CA PHE B 392 -7.39 -7.24 25.42
C PHE B 392 -7.47 -6.22 24.28
N LYS B 393 -8.67 -5.63 24.07
CA LYS B 393 -8.87 -4.62 23.02
C LYS B 393 -7.89 -3.45 23.16
N ASN B 394 -7.68 -2.97 24.38
CA ASN B 394 -6.80 -1.82 24.60
C ASN B 394 -5.31 -2.21 24.68
N SER B 395 -4.92 -3.35 24.11
CA SER B 395 -3.54 -3.86 24.08
C SER B 395 -3.11 -3.93 22.62
N ASN B 396 -2.35 -2.94 22.18
CA ASN B 396 -2.06 -2.80 20.77
C ASN B 396 -0.66 -2.20 20.62
N VAL B 397 -0.33 -1.77 19.40
CA VAL B 397 0.98 -1.18 19.14
C VAL B 397 1.12 0.16 19.83
N TYR B 398 0.03 0.93 19.93
CA TYR B 398 0.10 2.25 20.53
C TYR B 398 0.21 2.19 22.06
N THR B 399 -0.26 1.12 22.70
CA THR B 399 -0.28 1.00 24.15
C THR B 399 1.01 0.45 24.73
N LYS B 400 1.58 -0.60 24.13
CA LYS B 400 2.77 -1.21 24.70
C LYS B 400 3.97 -0.27 24.62
N LYS B 401 4.80 -0.32 25.66
CA LYS B 401 5.84 0.66 25.91
C LYS B 401 7.10 0.46 25.07
N GLU B 402 7.20 -0.64 24.32
CA GLU B 402 8.35 -0.84 23.44
C GLU B 402 8.01 -0.82 21.97
N CYS B 403 6.74 -0.75 21.60
CA CYS B 403 6.33 -0.53 20.22
C CYS B 403 6.40 0.95 19.83
N ASP B 404 6.69 1.85 20.77
CA ASP B 404 7.02 3.21 20.40
C ASP B 404 8.33 3.26 19.61
N SER B 405 9.36 2.53 20.07
CA SER B 405 10.70 2.62 19.51
C SER B 405 10.88 1.76 18.27
N CYS B 406 10.04 0.77 18.06
CA CYS B 406 10.28 -0.17 16.99
C CYS B 406 9.85 0.40 15.65
N TRP B 407 10.56 0.00 14.60
CA TRP B 407 10.32 0.47 13.24
C TRP B 407 9.25 -0.32 12.52
N ALA B 408 8.81 -1.45 13.08
CA ALA B 408 7.86 -2.32 12.42
C ALA B 408 6.45 -2.14 12.95
N LYS B 409 6.14 -0.95 13.47
CA LYS B 409 4.83 -0.71 14.07
C LYS B 409 3.69 -1.13 13.15
N PHE B 410 3.78 -0.84 11.86
CA PHE B 410 2.68 -1.05 10.93
C PHE B 410 2.90 -2.23 9.99
N TYR B 411 4.00 -2.97 10.12
CA TYR B 411 4.16 -4.22 9.41
C TYR B 411 4.00 -5.43 10.32
N CYS B 412 3.90 -5.22 11.63
CA CYS B 412 4.06 -6.29 12.59
C CYS B 412 2.72 -6.94 12.94
N SER B 413 2.82 -7.98 13.78
CA SER B 413 1.66 -8.78 14.13
C SER B 413 0.71 -8.03 15.06
N GLY B 414 1.24 -7.13 15.88
CA GLY B 414 0.57 -6.66 17.07
C GLY B 414 1.02 -7.40 18.30
N GLY B 415 1.96 -8.33 18.13
CA GLY B 415 2.45 -9.15 19.23
C GLY B 415 1.64 -10.42 19.41
N CYS B 416 2.08 -11.20 20.39
CA CYS B 416 1.40 -12.43 20.79
C CYS B 416 0.98 -12.29 22.25
N ALA B 417 -0.33 -12.31 22.50
CA ALA B 417 -0.81 -12.16 23.87
C ALA B 417 -0.53 -13.40 24.68
N ALA B 418 -0.42 -14.56 24.03
CA ALA B 418 -0.15 -15.81 24.74
C ALA B 418 1.32 -15.96 25.09
N ASN B 419 2.21 -15.23 24.41
CA ASN B 419 3.63 -15.28 24.73
C ASN B 419 4.05 -14.13 25.61
N SER B 420 3.40 -12.97 25.46
CA SER B 420 3.62 -11.88 26.40
C SER B 420 3.17 -12.28 27.80
N TYR B 421 2.11 -13.10 27.90
CA TYR B 421 1.64 -13.58 29.21
C TYR B 421 2.47 -14.77 29.72
N ASN B 422 2.92 -15.63 28.81
CA ASN B 422 3.60 -16.86 29.22
C ASN B 422 4.92 -16.55 29.92
N PHE B 423 5.63 -15.53 29.45
CA PHE B 423 6.95 -15.16 29.94
C PHE B 423 6.93 -13.95 30.86
N HIS B 424 5.78 -13.33 31.07
CA HIS B 424 5.73 -12.12 31.87
C HIS B 424 4.49 -11.99 32.75
N LYS B 425 3.51 -12.90 32.64
CA LYS B 425 2.25 -12.80 33.36
C LYS B 425 1.58 -11.44 33.15
N ASP B 426 1.89 -10.76 32.05
CA ASP B 426 1.29 -9.46 31.75
C ASP B 426 1.23 -9.25 30.25
N ILE B 427 0.04 -8.95 29.73
CA ILE B 427 -0.21 -9.01 28.30
C ILE B 427 0.59 -7.98 27.51
N ASN B 428 0.90 -6.82 28.10
CA ASN B 428 1.46 -5.64 27.42
C ASN B 428 2.98 -5.52 27.55
N THR B 429 3.68 -6.56 27.96
CA THR B 429 5.13 -6.59 27.93
C THR B 429 5.55 -7.50 26.78
N VAL B 430 6.33 -6.95 25.85
CA VAL B 430 6.67 -7.65 24.63
C VAL B 430 7.59 -8.83 24.92
N TYR B 431 7.38 -9.93 24.18
CA TYR B 431 8.28 -11.08 24.22
C TYR B 431 9.44 -10.83 23.28
N LYS B 432 10.64 -10.62 23.84
CA LYS B 432 11.77 -10.09 23.06
C LYS B 432 12.13 -10.99 21.87
N VAL B 433 12.45 -12.25 22.13
CA VAL B 433 12.93 -13.10 21.04
C VAL B 433 11.82 -13.38 20.03
N GLY B 434 10.56 -13.40 20.47
CA GLY B 434 9.47 -13.54 19.52
C GLY B 434 9.32 -12.34 18.59
N CYS B 435 9.76 -11.17 19.01
CA CYS B 435 9.63 -9.96 18.21
C CYS B 435 10.87 -9.62 17.40
N GLU B 436 12.03 -10.20 17.74
CA GLU B 436 13.17 -10.08 16.85
C GLU B 436 12.95 -10.89 15.57
N LEU B 437 12.22 -12.00 15.66
CA LEU B 437 11.96 -12.81 14.48
C LEU B 437 10.92 -12.17 13.56
N GLU B 438 9.84 -11.62 14.13
CA GLU B 438 8.87 -10.90 13.31
C GLU B 438 9.53 -9.73 12.59
N LYS B 439 10.41 -9.01 13.28
CA LYS B 439 11.16 -7.93 12.64
C LYS B 439 12.00 -8.47 11.49
N LYS B 440 12.70 -9.58 11.73
CA LYS B 440 13.51 -10.19 10.68
C LYS B 440 12.63 -10.71 9.55
N ARG B 441 11.45 -11.25 9.88
CA ARG B 441 10.54 -11.70 8.84
C ARG B 441 10.03 -10.52 8.00
N VAL B 442 9.97 -9.33 8.59
CA VAL B 442 9.49 -8.16 7.86
C VAL B 442 10.58 -7.60 6.96
N GLU B 443 11.83 -7.60 7.43
CA GLU B 443 12.95 -7.26 6.56
C GLU B 443 13.05 -8.25 5.40
N CYS B 444 12.85 -9.55 5.67
CA CYS B 444 12.87 -10.56 4.61
C CYS B 444 11.78 -10.31 3.57
N ALA B 445 10.57 -10.00 4.04
CA ALA B 445 9.47 -9.74 3.11
C ALA B 445 9.69 -8.47 2.29
N LEU B 446 10.33 -7.46 2.88
CA LEU B 446 10.59 -6.24 2.12
C LEU B 446 11.70 -6.46 1.09
N TRP B 447 12.64 -7.36 1.38
CA TRP B 447 13.66 -7.73 0.40
C TRP B 447 13.04 -8.40 -0.81
N ILE B 448 12.08 -9.30 -0.59
CA ILE B 448 11.52 -10.07 -1.70
C ILE B 448 10.75 -9.17 -2.65
N LYS B 449 10.16 -8.08 -2.15
CA LYS B 449 9.39 -7.20 -3.01
C LYS B 449 10.30 -6.41 -3.94
N ALA B 450 11.54 -6.16 -3.52
CA ALA B 450 12.50 -5.42 -4.33
C ALA B 450 12.95 -6.24 -5.52
N GLN B 451 12.03 -6.48 -6.46
CA GLN B 451 12.23 -7.38 -7.61
C GLN B 451 12.95 -8.67 -7.21
FE1 SF4 C . -5.83 21.33 -8.44
FE2 SF4 C . -6.88 21.61 -11.26
FE3 SF4 C . -3.84 21.65 -10.76
FE4 SF4 C . -5.65 23.98 -9.81
S1 SF4 C . -5.28 23.00 -11.74
S2 SF4 C . -4.17 22.69 -8.85
S3 SF4 C . -7.32 22.63 -9.37
S4 SF4 C . -5.47 20.26 -10.31
FE1 SF4 D . 4.18 32.36 -20.53
FE2 SF4 D . 3.86 29.80 -21.92
FE3 SF4 D . 1.78 30.77 -19.87
FE4 SF4 D . 4.50 29.68 -18.98
S1 SF4 D . 2.88 28.86 -20.21
S2 SF4 D . 3.39 31.55 -18.64
S3 SF4 D . 5.48 30.60 -20.72
S4 SF4 D . 2.59 31.56 -21.75
FE1 SF4 E . -14.67 11.54 -8.68
FE2 SF4 E . -11.76 10.71 -9.11
FE3 SF4 E . -13.50 11.83 -11.41
FE4 SF4 E . -14.03 9.06 -10.35
S1 SF4 E . -12.27 10.05 -11.15
S2 SF4 E . -15.28 10.82 -10.65
S3 SF4 E . -13.53 9.72 -8.32
S4 SF4 E . -12.89 12.56 -9.45
N SAM F . 6.26 30.18 -17.21
CA SAM F . 6.45 28.90 -16.53
C SAM F . 6.47 27.69 -17.48
O SAM F . 5.75 27.60 -18.48
OXT SAM F . 7.23 26.75 -17.25
CB SAM F . 5.45 28.71 -15.38
CG SAM F . 4.02 29.13 -15.68
SD SAM F . 3.18 28.00 -16.81
CE SAM F . 1.43 28.31 -16.44
C5' SAM F . 3.61 26.39 -16.10
C4' SAM F . 3.11 25.18 -16.88
O4' SAM F . 1.69 25.16 -16.94
C3' SAM F . 3.62 25.17 -18.31
O3' SAM F . 4.57 24.14 -18.44
C2' SAM F . 2.42 24.83 -19.17
O2' SAM F . 2.67 23.66 -19.91
C1' SAM F . 1.32 24.58 -18.17
N9 SAM F . 0.07 25.18 -18.65
C8 SAM F . -0.14 26.48 -19.03
N7 SAM F . -1.44 26.60 -19.40
C5 SAM F . -2.03 25.40 -19.28
C6 SAM F . -3.33 24.99 -19.52
N6 SAM F . -4.23 25.86 -19.97
N1 SAM F . -3.67 23.67 -19.31
C2 SAM F . -2.73 22.78 -18.83
N3 SAM F . -1.44 23.20 -18.58
C4 SAM F . -1.11 24.49 -18.80
CA CA G . 16.04 23.11 3.85
FE1 SF4 H . -3.28 -14.22 18.80
FE2 SF4 H . -3.51 -16.45 20.74
FE3 SF4 H . -0.72 -15.48 20.02
FE4 SF4 H . -2.38 -17.06 17.92
S1 SF4 H . -1.69 -17.43 19.98
S2 SF4 H . -1.44 -15.08 17.98
S3 SF4 H . -4.23 -16.18 18.70
S4 SF4 H . -2.52 -14.51 20.84
FE1 SF4 I . -2.93 -31.17 17.27
FE2 SF4 I . -0.52 -32.73 18.27
FE3 SF4 I . -1.97 -30.79 20.14
FE4 SF4 I . -3.22 -33.38 19.35
S1 SF4 I . -1.32 -32.85 20.30
S2 SF4 I . -3.88 -31.31 19.25
S3 SF4 I . -2.39 -33.29 17.31
S4 SF4 I . -1.02 -30.60 18.17
FE1 SF4 J . 7.95 -3.82 17.51
FE2 SF4 J . 5.87 -5.90 16.64
FE3 SF4 J . 5.32 -4.11 19.03
FE4 SF4 J . 7.45 -6.28 19.21
S1 SF4 J . 5.32 -6.27 18.71
S2 SF4 J . 7.43 -4.13 19.61
S3 SF4 J . 8.01 -5.97 17.12
S4 SF4 J . 5.84 -3.74 16.94
N SAM K . -5.14 -31.27 15.95
CA SAM K . -5.10 -30.24 14.92
C SAM K . -3.72 -30.17 14.28
O SAM K . -3.60 -29.96 13.07
OXT SAM K . -2.68 -30.36 14.93
CB SAM K . -5.61 -28.87 15.41
CG SAM K . -5.22 -28.42 16.81
SD SAM K . -3.44 -28.12 16.96
CE SAM K . -3.32 -27.26 18.55
C5' SAM K . -3.25 -26.85 15.70
C4' SAM K . -1.80 -26.47 15.40
O4' SAM K . -1.23 -25.85 16.53
C3' SAM K . -0.95 -27.69 15.08
O3' SAM K . -0.62 -27.65 13.72
C2' SAM K . 0.28 -27.54 15.95
O2' SAM K . 1.46 -27.60 15.19
C1' SAM K . 0.14 -26.16 16.55
N9 SAM K . 0.63 -26.09 17.92
C8 SAM K . 0.26 -26.88 18.98
N7 SAM K . 0.96 -26.48 20.07
C5 SAM K . 1.77 -25.45 19.71
C6 SAM K . 2.68 -24.67 20.41
N6 SAM K . 2.91 -24.86 21.71
N1 SAM K . 3.36 -23.67 19.73
C2 SAM K . 3.15 -23.43 18.39
N3 SAM K . 2.24 -24.21 17.71
C4 SAM K . 1.57 -25.20 18.37
CA CA L . 26.44 -3.32 -2.08
CA CA M . -8.16 -40.45 24.04
CA CA N . -21.17 -18.93 -0.03
CA CA O . 22.39 -11.91 9.06
#